data_8PC4
#
_entry.id   8PC4
#
_cell.length_a   94.389
_cell.length_b   94.389
_cell.length_c   442.325
_cell.angle_alpha   90.000
_cell.angle_beta   90.000
_cell.angle_gamma   120.000
#
_symmetry.space_group_name_H-M   'P 65 2 2'
#
loop_
_entity.id
_entity.type
_entity.pdbx_description
1 polymer 'N-acyl-phosphatidylethanolamine-hydrolyzing phospholipase D'
2 non-polymer 'ZINC ION'
3 non-polymer 1,2-Distearoyl-sn-glycerophosphoethanolamine
4 non-polymer '(3ALPHA,5BETA,12ALPHA)-3,12-DIHYDROXYCHOLAN-24-OIC ACID'
5 non-polymer '6-chloro-3,4-dihydro-2H-1,2,4-benzothiadiazine-7-sulfonamide 1,1-dioxide'
6 water water
#
_entity_poly.entity_id   1
_entity_poly.type   'polypeptide(L)'
_entity_poly.pdbx_seq_one_letter_code
;MDENESNQSLMTSSQYPKEAVRKRQNSARNSGASDSSRFSRKSFKLDYRLEEDVTKSKKGKDGRFVNPWPTWKNPSIPNV
LRWLIMEKDHSSVPSSKEELDKELPVLKPYFITNPEEAGVREAGLRVTWLGHATVMVEMDELIFLTDPIFSSRASPSQYM
GPKRFRRSPCTISELPPIDAVLISHNHYDHLDYNSVIALNERFGNELRWFVPLGLLDWMQKCGCENVIELDWWEENCVPG
HDKVTFVFTPSQHWCKRTLMDDNKVLWGSWSVLGPWNRFFFAGDTGYCPAFEEIGKRFGPFDLAAIPIGAYEPRWFMKYQ
HVDPEEAVRIHTDVQTKKSMAIHWGTFALANEHYLEPPVKLNEALERYGLNAEDFFVLKHGESRYLNNDDENF
;
_entity_poly.pdbx_strand_id   A,B
#
loop_
_chem_comp.id
_chem_comp.type
_chem_comp.name
_chem_comp.formula
3PE non-polymer 1,2-Distearoyl-sn-glycerophosphoethanolamine 'C41 H82 N O8 P'
DXC non-polymer '(3ALPHA,5BETA,12ALPHA)-3,12-DIHYDROXYCHOLAN-24-OIC ACID' 'C24 H40 O4'
HCZ non-polymer '6-chloro-3,4-dihydro-2H-1,2,4-benzothiadiazine-7-sulfonamide 1,1-dioxide' 'C7 H8 Cl N3 O4 S2'
ZN non-polymer 'ZINC ION' 'Zn 2'
#
# COMPACT_ATOMS: atom_id res chain seq x y z
N SER A 57 -24.66 -38.19 6.53
CA SER A 57 -24.71 -39.19 5.46
C SER A 57 -24.05 -38.63 4.20
N LYS A 58 -23.65 -39.51 3.28
CA LYS A 58 -23.01 -39.10 2.00
C LYS A 58 -22.01 -37.95 2.23
N LYS A 59 -21.70 -37.18 1.18
CA LYS A 59 -20.81 -36.00 1.31
C LYS A 59 -19.37 -36.41 1.61
N GLY A 60 -18.42 -36.01 0.76
CA GLY A 60 -17.01 -36.27 1.09
C GLY A 60 -16.65 -35.58 2.40
N LYS A 61 -16.65 -36.33 3.51
CA LYS A 61 -16.42 -35.72 4.84
C LYS A 61 -14.97 -35.27 5.00
N ASP A 62 -14.68 -34.56 6.09
CA ASP A 62 -13.30 -34.07 6.35
C ASP A 62 -12.39 -35.25 6.66
N GLY A 63 -11.08 -35.04 6.58
CA GLY A 63 -10.12 -36.12 6.87
C GLY A 63 -8.97 -35.59 7.71
N ARG A 64 -8.10 -36.48 8.19
CA ARG A 64 -6.92 -36.02 8.97
C ARG A 64 -5.85 -37.10 8.92
N PHE A 65 -4.83 -36.93 8.09
CA PHE A 65 -3.70 -37.87 8.06
C PHE A 65 -3.06 -37.95 9.44
N VAL A 66 -2.05 -38.82 9.59
CA VAL A 66 -1.41 -39.00 10.89
C VAL A 66 -1.03 -37.65 11.49
N ASN A 67 -0.27 -36.85 10.74
CA ASN A 67 -0.01 -35.47 11.15
C ASN A 67 -1.02 -34.38 10.77
N PRO A 68 -1.11 -33.90 9.46
CA PRO A 68 -2.02 -32.82 9.07
C PRO A 68 -3.41 -33.20 8.60
N TRP A 69 -4.01 -32.21 7.93
CA TRP A 69 -5.29 -32.32 7.23
C TRP A 69 -5.03 -32.70 5.76
N PRO A 70 -5.57 -33.82 5.27
CA PRO A 70 -5.48 -34.17 3.85
C PRO A 70 -6.71 -33.74 3.04
N THR A 71 -6.60 -33.93 1.71
CA THR A 71 -7.70 -33.64 0.79
C THR A 71 -8.78 -34.71 0.76
N TRP A 72 -8.44 -35.97 1.05
CA TRP A 72 -9.36 -37.11 0.90
CA TRP A 72 -9.34 -37.12 0.90
C TRP A 72 -9.86 -37.28 -0.53
N LYS A 73 -9.30 -36.55 -1.49
CA LYS A 73 -9.73 -36.62 -2.88
C LYS A 73 -8.74 -37.47 -3.67
N ASN A 74 -9.27 -38.27 -4.59
CA ASN A 74 -8.40 -39.12 -5.39
C ASN A 74 -7.38 -38.37 -6.24
N PRO A 75 -7.73 -37.25 -6.91
CA PRO A 75 -6.72 -36.47 -7.63
C PRO A 75 -5.79 -35.93 -6.55
N SER A 76 -4.48 -36.19 -6.66
CA SER A 76 -3.55 -35.78 -5.59
C SER A 76 -2.12 -35.65 -6.14
N ILE A 77 -1.26 -34.89 -5.45
CA ILE A 77 0.14 -34.68 -5.90
C ILE A 77 0.92 -34.04 -4.73
N PRO A 78 2.26 -34.11 -4.69
CA PRO A 78 3.03 -33.57 -3.58
C PRO A 78 3.90 -32.36 -3.96
N ASN A 79 5.19 -32.38 -3.59
CA ASN A 79 6.14 -31.28 -3.91
C ASN A 79 5.42 -29.93 -3.97
N VAL A 80 5.16 -29.31 -2.80
CA VAL A 80 4.51 -27.97 -2.78
C VAL A 80 5.60 -26.91 -2.79
N LEU A 81 6.84 -27.29 -3.14
CA LEU A 81 7.96 -26.31 -3.22
C LEU A 81 7.40 -24.93 -3.52
N ARG A 82 7.53 -23.99 -2.57
CA ARG A 82 6.90 -22.66 -2.75
C ARG A 82 7.49 -21.93 -3.95
N TRP A 83 6.95 -20.76 -4.27
CA TRP A 83 7.36 -20.03 -5.46
C TRP A 83 8.32 -18.92 -5.03
N LEU A 84 9.61 -19.25 -4.94
CA LEU A 84 10.68 -18.28 -4.87
C LEU A 84 11.80 -18.58 -5.86
N ILE A 85 12.17 -19.85 -6.03
CA ILE A 85 13.19 -20.24 -6.98
C ILE A 85 12.65 -21.15 -8.07
N MET A 86 11.52 -21.83 -7.84
CA MET A 86 11.02 -22.84 -8.77
C MET A 86 10.52 -22.23 -10.08
N GLU A 87 9.55 -21.31 -9.98
CA GLU A 87 8.95 -20.69 -11.19
C GLU A 87 8.81 -19.18 -10.98
N LYS A 88 9.81 -18.55 -10.37
CA LYS A 88 9.78 -17.07 -10.22
C LYS A 88 9.96 -16.43 -11.60
N ASP A 89 8.86 -16.13 -12.30
CA ASP A 89 8.96 -15.57 -13.66
C ASP A 89 7.64 -14.91 -14.06
N HIS A 90 7.68 -14.02 -15.06
CA HIS A 90 6.43 -13.37 -15.56
C HIS A 90 6.36 -13.49 -17.09
N SER A 91 6.50 -14.70 -17.62
CA SER A 91 6.40 -14.93 -19.07
C SER A 91 5.06 -14.44 -19.64
N SER A 92 4.30 -13.75 -18.78
CA SER A 92 3.12 -13.00 -19.19
C SER A 92 3.40 -11.52 -19.34
N VAL A 93 4.38 -11.01 -18.58
CA VAL A 93 4.90 -9.64 -18.63
C VAL A 93 3.80 -8.58 -18.67
N PRO A 94 3.07 -8.33 -17.58
CA PRO A 94 2.19 -7.16 -17.54
C PRO A 94 3.04 -5.90 -17.52
N SER A 95 2.87 -5.03 -18.52
CA SER A 95 3.65 -3.79 -18.57
C SER A 95 2.86 -2.76 -19.39
N SER A 96 3.55 -1.67 -19.77
CA SER A 96 2.93 -0.62 -20.58
C SER A 96 1.72 -0.03 -19.88
N LYS A 97 1.95 0.87 -18.92
CA LYS A 97 0.89 1.54 -18.16
C LYS A 97 -0.39 1.76 -18.94
N GLU A 98 -0.29 2.32 -20.15
CA GLU A 98 -1.47 2.46 -21.03
C GLU A 98 -2.19 1.14 -21.25
N GLU A 99 -1.45 0.10 -21.64
CA GLU A 99 -2.06 -1.22 -21.87
C GLU A 99 -2.82 -1.69 -20.65
N LEU A 100 -2.23 -1.53 -19.45
CA LEU A 100 -2.96 -1.90 -18.24
C LEU A 100 -4.26 -1.11 -18.10
N ASP A 101 -4.18 0.22 -18.22
CA ASP A 101 -5.39 1.04 -18.12
C ASP A 101 -6.48 0.56 -19.06
N LYS A 102 -6.11 0.16 -20.28
CA LYS A 102 -7.11 -0.25 -21.27
C LYS A 102 -7.57 -1.69 -21.07
N GLU A 103 -6.62 -2.62 -21.01
CA GLU A 103 -6.93 -4.05 -20.92
C GLU A 103 -7.66 -4.38 -19.63
N LEU A 104 -7.10 -3.96 -18.49
CA LEU A 104 -7.63 -4.27 -17.16
C LEU A 104 -7.90 -2.96 -16.45
N PRO A 105 -9.01 -2.30 -16.75
CA PRO A 105 -9.29 -1.02 -16.10
C PRO A 105 -9.82 -1.25 -14.70
N VAL A 106 -9.42 -0.38 -13.78
CA VAL A 106 -9.91 -0.41 -12.40
C VAL A 106 -11.06 0.58 -12.28
N LEU A 107 -12.23 0.07 -11.91
CA LEU A 107 -13.40 0.92 -11.74
C LEU A 107 -13.56 1.39 -10.30
N LYS A 108 -14.24 2.52 -10.19
CA LYS A 108 -14.64 3.29 -9.03
C LYS A 108 -15.91 2.67 -8.47
N PRO A 109 -15.88 1.96 -7.34
CA PRO A 109 -17.09 1.30 -6.86
C PRO A 109 -18.18 2.29 -6.47
N TYR A 110 -19.43 1.82 -6.57
CA TYR A 110 -20.59 2.70 -6.35
C TYR A 110 -20.62 3.23 -4.94
N PHE A 111 -20.30 2.41 -3.95
CA PHE A 111 -20.43 2.86 -2.57
C PHE A 111 -19.45 3.97 -2.21
N ILE A 112 -18.69 4.45 -3.20
CA ILE A 112 -17.80 5.58 -2.99
C ILE A 112 -18.53 6.90 -3.23
N THR A 113 -19.16 7.04 -4.39
CA THR A 113 -19.91 8.25 -4.67
C THR A 113 -21.32 8.20 -4.10
N ASN A 114 -21.91 7.01 -4.01
CA ASN A 114 -23.26 6.83 -3.47
C ASN A 114 -23.25 5.71 -2.43
N PRO A 115 -22.55 5.92 -1.30
CA PRO A 115 -22.54 4.87 -0.25
C PRO A 115 -23.93 4.53 0.26
N GLU A 116 -24.86 5.49 0.19
CA GLU A 116 -26.20 5.29 0.74
C GLU A 116 -26.92 4.11 0.10
N GLU A 117 -26.67 3.84 -1.19
CA GLU A 117 -27.33 2.75 -1.91
C GLU A 117 -27.30 1.47 -1.10
N ALA A 118 -26.09 0.94 -0.88
CA ALA A 118 -25.85 -0.28 -0.11
C ALA A 118 -26.77 -1.43 -0.54
N GLY A 119 -27.32 -1.33 -1.75
CA GLY A 119 -28.16 -2.37 -2.39
C GLY A 119 -28.88 -3.45 -1.58
N VAL A 120 -29.19 -4.56 -2.24
CA VAL A 120 -29.93 -5.70 -1.61
C VAL A 120 -30.93 -5.18 -0.56
N ARG A 121 -30.94 -5.75 0.65
CA ARG A 121 -31.97 -5.37 1.66
C ARG A 121 -33.33 -5.73 1.06
N GLU A 122 -33.31 -6.42 -0.09
CA GLU A 122 -34.58 -6.78 -0.80
C GLU A 122 -34.64 -8.29 -1.01
N ALA A 123 -34.63 -8.72 -2.28
CA ALA A 123 -34.72 -10.17 -2.62
C ALA A 123 -33.59 -10.54 -3.57
N GLY A 124 -33.10 -9.57 -4.36
CA GLY A 124 -32.04 -9.83 -5.35
C GLY A 124 -30.67 -10.01 -4.71
N LEU A 125 -29.62 -9.90 -5.52
CA LEU A 125 -28.23 -10.10 -5.01
C LEU A 125 -27.28 -9.22 -5.80
N ARG A 126 -26.50 -8.38 -5.12
CA ARG A 126 -25.51 -7.57 -5.81
C ARG A 126 -24.12 -8.01 -5.38
N VAL A 127 -23.17 -7.97 -6.31
CA VAL A 127 -21.80 -8.37 -6.05
C VAL A 127 -20.86 -7.30 -6.59
N THR A 128 -19.69 -7.19 -5.98
CA THR A 128 -18.66 -6.28 -6.46
C THR A 128 -17.31 -6.99 -6.41
N TRP A 129 -16.56 -6.93 -7.51
CA TRP A 129 -15.24 -7.53 -7.57
C TRP A 129 -14.20 -6.50 -7.16
N LEU A 130 -13.48 -6.78 -6.08
CA LEU A 130 -12.42 -5.90 -5.60
C LEU A 130 -11.03 -6.48 -5.85
N GLY A 131 -10.90 -7.36 -6.84
CA GLY A 131 -9.64 -7.97 -7.17
C GLY A 131 -9.51 -9.38 -6.59
N HIS A 132 -8.65 -10.18 -7.23
CA HIS A 132 -8.39 -11.58 -6.78
C HIS A 132 -9.66 -12.21 -6.20
N ALA A 133 -9.63 -12.57 -4.91
CA ALA A 133 -10.79 -13.25 -4.28
C ALA A 133 -11.50 -12.29 -3.32
N THR A 134 -11.01 -11.06 -3.19
CA THR A 134 -11.72 -10.06 -2.35
C THR A 134 -12.97 -9.58 -3.10
N VAL A 135 -14.12 -10.19 -2.83
CA VAL A 135 -15.39 -9.77 -3.49
C VAL A 135 -16.42 -9.44 -2.41
N MET A 136 -17.30 -8.48 -2.67
CA MET A 136 -18.27 -8.04 -1.67
C MET A 136 -19.64 -8.40 -2.18
N VAL A 137 -20.32 -9.29 -1.46
CA VAL A 137 -21.61 -9.77 -1.86
C VAL A 137 -22.59 -9.17 -0.89
N GLU A 138 -23.54 -8.46 -1.44
CA GLU A 138 -24.63 -7.93 -0.67
C GLU A 138 -25.84 -8.79 -1.01
N MET A 139 -26.37 -9.47 0.01
CA MET A 139 -27.46 -10.43 -0.13
C MET A 139 -28.21 -10.60 1.18
N ASP A 140 -29.51 -10.85 1.04
CA ASP A 140 -30.46 -11.22 2.09
C ASP A 140 -30.21 -10.47 3.41
N GLU A 141 -30.21 -9.13 3.32
CA GLU A 141 -29.97 -8.29 4.51
C GLU A 141 -28.62 -8.69 5.13
N LEU A 142 -27.55 -8.72 4.32
CA LEU A 142 -26.20 -9.05 4.84
C LEU A 142 -25.15 -8.67 3.80
N ILE A 143 -24.17 -7.84 4.19
CA ILE A 143 -23.07 -7.46 3.26
C ILE A 143 -21.79 -8.15 3.74
N PHE A 144 -21.39 -9.24 3.08
CA PHE A 144 -20.21 -9.97 3.48
C PHE A 144 -19.09 -9.87 2.44
N LEU A 145 -17.88 -9.87 2.95
CA LEU A 145 -16.66 -9.82 2.15
C LEU A 145 -15.98 -11.18 2.16
N THR A 146 -15.23 -11.47 1.10
CA THR A 146 -14.53 -12.74 1.05
C THR A 146 -13.06 -12.54 0.68
N ASP A 147 -12.19 -13.33 1.30
CA ASP A 147 -10.74 -13.32 1.09
C ASP A 147 -10.22 -11.89 0.91
N PRO A 148 -10.37 -11.03 1.90
CA PRO A 148 -10.08 -9.60 1.70
C PRO A 148 -8.59 -9.33 1.72
N ILE A 149 -8.07 -8.81 0.60
CA ILE A 149 -6.69 -8.37 0.50
C ILE A 149 -6.68 -6.98 -0.12
N PHE A 150 -6.23 -5.98 0.65
CA PHE A 150 -6.16 -4.63 0.13
C PHE A 150 -4.75 -4.09 0.01
N SER A 151 -3.76 -4.76 0.61
CA SER A 151 -2.38 -4.32 0.49
C SER A 151 -1.83 -4.60 -0.91
N SER A 152 -0.66 -4.03 -1.20
CA SER A 152 -0.08 -4.18 -2.52
C SER A 152 0.57 -5.55 -2.72
N ARG A 153 1.21 -6.11 -1.70
CA ARG A 153 1.98 -7.34 -1.84
C ARG A 153 1.37 -8.47 -1.01
N ALA A 154 1.30 -9.67 -1.59
CA ALA A 154 0.80 -10.85 -0.89
C ALA A 154 1.99 -11.71 -0.47
N SER A 155 2.61 -11.30 0.64
CA SER A 155 3.85 -11.92 1.05
C SER A 155 4.06 -11.63 2.53
N PRO A 156 4.81 -12.48 3.24
CA PRO A 156 5.13 -12.17 4.63
C PRO A 156 6.21 -11.10 4.74
N SER A 157 6.90 -10.83 3.65
CA SER A 157 7.95 -9.84 3.56
C SER A 157 7.43 -8.60 2.85
N GLN A 158 8.22 -7.55 2.97
CA GLN A 158 7.90 -6.29 2.33
C GLN A 158 8.76 -6.09 1.09
N TYR A 159 9.70 -6.99 0.85
CA TYR A 159 10.75 -6.82 -0.16
C TYR A 159 10.66 -7.82 -1.29
N MET A 160 10.05 -8.97 -1.05
CA MET A 160 9.86 -9.97 -2.07
C MET A 160 8.47 -10.54 -1.91
N GLY A 161 7.96 -11.08 -2.99
CA GLY A 161 6.62 -11.60 -2.99
C GLY A 161 5.82 -11.00 -4.13
N PRO A 162 4.70 -11.63 -4.47
CA PRO A 162 3.86 -11.14 -5.57
C PRO A 162 3.17 -9.82 -5.23
N LYS A 163 3.48 -8.78 -6.01
CA LYS A 163 2.91 -7.46 -5.83
C LYS A 163 1.91 -7.17 -6.93
N ARG A 164 0.70 -6.76 -6.56
CA ARG A 164 -0.39 -6.61 -7.52
C ARG A 164 -0.06 -5.58 -8.58
N PHE A 165 -0.47 -5.85 -9.82
CA PHE A 165 -0.32 -4.86 -10.88
C PHE A 165 -1.56 -3.99 -11.04
N ARG A 166 -2.61 -4.28 -10.29
CA ARG A 166 -3.83 -3.48 -10.29
C ARG A 166 -4.18 -3.12 -8.86
N ARG A 167 -4.32 -1.83 -8.58
CA ARG A 167 -4.61 -1.40 -7.21
CA ARG A 167 -4.61 -1.40 -7.22
C ARG A 167 -6.00 -1.83 -6.79
N SER A 168 -6.23 -1.82 -5.48
CA SER A 168 -7.53 -2.21 -4.96
C SER A 168 -8.57 -1.16 -5.39
N PRO A 169 -9.75 -1.58 -5.87
CA PRO A 169 -10.72 -0.60 -6.38
C PRO A 169 -11.10 0.45 -5.34
N CYS A 170 -11.16 0.07 -4.07
CA CYS A 170 -11.54 0.96 -3.00
C CYS A 170 -10.62 0.67 -1.82
N THR A 171 -10.83 1.35 -0.70
CA THR A 171 -10.06 1.07 0.51
C THR A 171 -11.00 0.66 1.61
N ILE A 172 -10.39 0.18 2.70
CA ILE A 172 -11.16 -0.32 3.84
C ILE A 172 -12.08 0.78 4.36
N SER A 173 -11.53 2.00 4.46
CA SER A 173 -12.30 3.13 4.96
C SER A 173 -13.51 3.40 4.09
N GLU A 174 -13.37 3.24 2.78
CA GLU A 174 -14.48 3.50 1.86
C GLU A 174 -15.52 2.38 1.87
N LEU A 175 -15.26 1.29 2.57
CA LEU A 175 -16.10 0.12 2.48
C LEU A 175 -17.39 0.34 3.28
N PRO A 176 -18.52 -0.17 2.81
CA PRO A 176 -19.78 0.00 3.54
C PRO A 176 -19.77 -0.93 4.74
N PRO A 177 -20.77 -0.87 5.61
CA PRO A 177 -20.75 -1.78 6.76
C PRO A 177 -20.68 -3.22 6.32
N ILE A 178 -19.59 -3.92 6.63
CA ILE A 178 -19.45 -5.34 6.35
C ILE A 178 -19.89 -6.12 7.56
N ASP A 179 -20.96 -6.90 7.41
CA ASP A 179 -21.44 -7.73 8.51
C ASP A 179 -20.51 -8.92 8.75
N ALA A 180 -20.03 -9.54 7.67
CA ALA A 180 -19.29 -10.78 7.77
C ALA A 180 -18.15 -10.85 6.76
N VAL A 181 -17.15 -11.67 7.06
CA VAL A 181 -16.09 -11.98 6.10
C VAL A 181 -15.87 -13.48 6.07
N LEU A 182 -15.54 -13.99 4.90
CA LEU A 182 -15.26 -15.40 4.68
C LEU A 182 -13.83 -15.57 4.21
N ILE A 183 -13.13 -16.54 4.81
CA ILE A 183 -11.73 -16.85 4.49
C ILE A 183 -11.68 -18.26 3.90
N SER A 184 -11.17 -18.39 2.67
CA SER A 184 -11.10 -19.70 2.02
C SER A 184 -9.99 -20.58 2.61
N HIS A 185 -8.74 -20.12 2.50
CA HIS A 185 -7.57 -20.80 3.09
C HIS A 185 -6.60 -19.72 3.56
N ASN A 186 -5.40 -20.11 3.97
CA ASN A 186 -4.49 -19.20 4.67
C ASN A 186 -3.42 -18.57 3.78
N HIS A 187 -3.45 -18.81 2.47
CA HIS A 187 -2.40 -18.30 1.60
C HIS A 187 -2.39 -16.78 1.61
N TYR A 188 -1.22 -16.21 1.33
CA TYR A 188 -1.00 -14.76 1.40
C TYR A 188 -1.85 -13.99 0.42
N ASP A 189 -2.31 -14.62 -0.66
CA ASP A 189 -3.18 -13.94 -1.61
C ASP A 189 -4.64 -14.01 -1.19
N HIS A 190 -4.93 -14.59 -0.01
CA HIS A 190 -6.30 -14.63 0.49
C HIS A 190 -6.42 -14.15 1.92
N LEU A 191 -5.37 -14.36 2.74
CA LEU A 191 -5.32 -13.89 4.13
C LEU A 191 -4.24 -12.81 4.24
N ASP A 192 -4.67 -11.57 4.37
CA ASP A 192 -3.75 -10.45 4.41
C ASP A 192 -3.80 -9.79 5.78
N TYR A 193 -2.76 -10.02 6.59
CA TYR A 193 -2.69 -9.51 7.95
C TYR A 193 -3.14 -8.06 8.06
N ASN A 194 -2.58 -7.19 7.23
CA ASN A 194 -2.92 -5.77 7.29
C ASN A 194 -4.40 -5.54 7.01
N SER A 195 -4.96 -6.26 6.03
CA SER A 195 -6.39 -6.15 5.78
C SER A 195 -7.21 -6.60 6.99
N VAL A 196 -6.79 -7.71 7.63
CA VAL A 196 -7.50 -8.21 8.79
C VAL A 196 -7.48 -7.19 9.91
N ILE A 197 -6.29 -6.64 10.22
CA ILE A 197 -6.19 -5.68 11.30
C ILE A 197 -7.06 -4.45 11.00
N ALA A 198 -7.06 -3.99 9.74
CA ALA A 198 -7.88 -2.83 9.40
C ALA A 198 -9.36 -3.12 9.63
N LEU A 199 -9.85 -4.28 9.16
CA LEU A 199 -11.27 -4.61 9.36
C LEU A 199 -11.61 -4.70 10.83
N ASN A 200 -10.75 -5.38 11.61
CA ASN A 200 -11.01 -5.55 13.03
C ASN A 200 -10.85 -4.26 13.81
N GLU A 201 -10.16 -3.27 13.23
CA GLU A 201 -10.05 -1.95 13.85
C GLU A 201 -11.28 -1.10 13.55
N ARG A 202 -11.65 -0.98 12.28
CA ARG A 202 -12.83 -0.19 11.93
C ARG A 202 -14.08 -0.80 12.55
N PHE A 203 -14.35 -2.06 12.23
CA PHE A 203 -15.36 -2.85 12.92
C PHE A 203 -14.71 -3.54 14.12
N GLY A 204 -15.36 -4.56 14.68
CA GLY A 204 -14.87 -5.25 15.84
C GLY A 204 -15.70 -6.49 16.03
N ASN A 205 -16.27 -6.66 17.23
CA ASN A 205 -17.29 -7.67 17.44
C ASN A 205 -18.45 -7.57 16.45
N GLU A 206 -18.64 -6.42 15.79
CA GLU A 206 -19.66 -6.31 14.75
C GLU A 206 -19.32 -7.11 13.51
N LEU A 207 -18.07 -7.57 13.41
CA LEU A 207 -17.63 -8.31 12.20
C LEU A 207 -17.52 -9.79 12.54
N ARG A 208 -18.38 -10.63 11.94
CA ARG A 208 -18.26 -12.08 12.16
C ARG A 208 -17.26 -12.65 11.16
N TRP A 209 -16.17 -13.21 11.67
CA TRP A 209 -15.16 -13.82 10.77
C TRP A 209 -15.43 -15.31 10.68
N PHE A 210 -15.76 -15.79 9.49
CA PHE A 210 -15.94 -17.25 9.30
C PHE A 210 -14.63 -17.82 8.75
N VAL A 211 -13.92 -18.61 9.57
CA VAL A 211 -12.61 -19.11 9.16
C VAL A 211 -12.66 -20.63 9.19
N PRO A 212 -11.76 -21.28 8.45
CA PRO A 212 -11.64 -22.74 8.54
C PRO A 212 -11.12 -23.15 9.90
N LEU A 213 -11.17 -24.46 10.16
CA LEU A 213 -10.50 -25.03 11.32
C LEU A 213 -9.01 -24.74 11.30
N GLY A 214 -8.48 -24.35 12.45
CA GLY A 214 -7.08 -24.06 12.61
C GLY A 214 -6.73 -22.58 12.62
N LEU A 215 -7.64 -21.72 12.23
CA LEU A 215 -7.35 -20.29 12.14
C LEU A 215 -7.86 -19.50 13.33
N LEU A 216 -8.53 -20.14 14.29
CA LEU A 216 -9.06 -19.41 15.45
C LEU A 216 -7.95 -18.62 16.12
N ASP A 217 -6.82 -19.27 16.38
CA ASP A 217 -5.71 -18.58 17.03
C ASP A 217 -5.28 -17.36 16.23
N TRP A 218 -4.80 -17.58 14.99
CA TRP A 218 -4.36 -16.48 14.14
C TRP A 218 -5.31 -15.29 14.20
N MET A 219 -6.61 -15.57 14.11
CA MET A 219 -7.61 -14.51 14.17
C MET A 219 -7.61 -13.78 15.51
N GLN A 220 -7.69 -14.54 16.60
CA GLN A 220 -7.73 -13.91 17.93
C GLN A 220 -6.43 -13.18 18.24
N LYS A 221 -5.30 -13.79 17.88
CA LYS A 221 -3.99 -13.15 18.00
C LYS A 221 -3.95 -11.84 17.23
N CYS A 222 -4.68 -11.75 16.13
CA CYS A 222 -4.80 -10.45 15.48
C CYS A 222 -5.73 -9.53 16.27
N GLY A 223 -6.66 -10.09 17.02
CA GLY A 223 -7.52 -9.27 17.85
C GLY A 223 -9.00 -9.38 17.52
N CYS A 224 -9.42 -10.47 16.89
CA CYS A 224 -10.81 -10.67 16.52
C CYS A 224 -11.49 -11.60 17.51
N GLU A 225 -12.68 -11.20 17.97
CA GLU A 225 -13.49 -12.00 18.88
C GLU A 225 -14.67 -12.66 18.21
N ASN A 226 -15.28 -12.00 17.22
CA ASN A 226 -16.44 -12.55 16.52
C ASN A 226 -15.92 -13.48 15.41
N VAL A 227 -15.31 -14.57 15.86
CA VAL A 227 -14.59 -15.52 15.02
C VAL A 227 -15.19 -16.89 15.21
N ILE A 228 -15.38 -17.61 14.11
CA ILE A 228 -16.01 -18.92 14.10
C ILE A 228 -15.14 -19.85 13.27
N GLU A 229 -14.56 -20.86 13.91
CA GLU A 229 -13.78 -21.88 13.24
C GLU A 229 -14.68 -23.01 12.78
N LEU A 230 -14.60 -23.37 11.50
CA LEU A 230 -15.55 -24.40 10.98
C LEU A 230 -14.85 -25.46 10.13
N ASP A 231 -15.15 -26.73 10.36
CA ASP A 231 -14.63 -27.83 9.50
C ASP A 231 -15.61 -27.91 8.34
N TRP A 232 -15.21 -28.44 7.19
CA TRP A 232 -16.20 -28.41 6.08
C TRP A 232 -17.38 -29.33 6.40
N TRP A 233 -18.56 -29.01 5.88
CA TRP A 233 -19.80 -29.77 6.18
C TRP A 233 -20.34 -29.30 7.54
N GLU A 234 -19.78 -28.24 8.10
CA GLU A 234 -20.31 -27.66 9.36
C GLU A 234 -20.91 -26.30 9.04
N GLU A 235 -21.59 -25.67 10.01
CA GLU A 235 -22.28 -24.40 9.65
C GLU A 235 -22.44 -23.46 10.85
N ASN A 236 -23.01 -22.28 10.62
CA ASN A 236 -23.21 -21.26 11.65
C ASN A 236 -24.10 -20.15 11.05
N CYS A 237 -24.37 -19.10 11.83
CA CYS A 237 -25.37 -18.08 11.48
C CYS A 237 -24.90 -16.68 11.93
N VAL A 238 -25.81 -15.71 11.82
CA VAL A 238 -25.59 -14.30 12.16
C VAL A 238 -26.31 -13.90 13.45
N PRO A 239 -25.77 -13.04 14.37
CA PRO A 239 -26.55 -12.74 15.58
C PRO A 239 -27.95 -12.20 15.28
N GLY A 240 -28.03 -11.07 14.57
CA GLY A 240 -29.30 -10.51 14.17
C GLY A 240 -30.03 -11.30 13.10
N HIS A 241 -29.49 -11.28 11.88
CA HIS A 241 -30.15 -11.92 10.75
C HIS A 241 -29.59 -13.33 10.61
N ASP A 242 -30.13 -14.24 11.44
CA ASP A 242 -29.62 -15.60 11.56
C ASP A 242 -30.25 -16.58 10.59
N LYS A 243 -31.40 -16.25 10.01
CA LYS A 243 -32.07 -17.08 9.01
C LYS A 243 -31.20 -17.30 7.77
N VAL A 244 -30.18 -16.48 7.53
CA VAL A 244 -29.17 -16.81 6.54
C VAL A 244 -28.13 -17.71 7.19
N THR A 245 -27.76 -18.77 6.50
CA THR A 245 -26.84 -19.78 7.03
C THR A 245 -25.54 -19.79 6.24
N PHE A 246 -24.42 -19.84 6.96
CA PHE A 246 -23.09 -19.94 6.36
C PHE A 246 -22.54 -21.33 6.62
N VAL A 247 -22.18 -22.04 5.56
CA VAL A 247 -21.72 -23.42 5.63
C VAL A 247 -20.33 -23.52 5.01
N PHE A 248 -19.43 -24.20 5.70
CA PHE A 248 -18.11 -24.50 5.15
C PHE A 248 -18.22 -25.80 4.35
N THR A 249 -17.81 -25.76 3.09
CA THR A 249 -17.95 -26.83 2.11
C THR A 249 -16.58 -27.25 1.60
N PRO A 250 -16.46 -28.47 1.08
CA PRO A 250 -15.13 -28.98 0.71
C PRO A 250 -14.47 -28.23 -0.43
N SER A 251 -13.20 -28.54 -0.65
CA SER A 251 -12.39 -27.98 -1.73
C SER A 251 -11.10 -28.79 -1.82
N GLN A 252 -10.36 -28.60 -2.91
CA GLN A 252 -9.09 -29.28 -3.15
C GLN A 252 -7.96 -28.26 -3.32
N HIS A 253 -7.31 -27.89 -2.22
CA HIS A 253 -6.25 -26.88 -2.21
C HIS A 253 -5.25 -27.23 -1.10
N TRP A 254 -4.46 -26.25 -0.66
CA TRP A 254 -3.51 -26.47 0.42
C TRP A 254 -3.40 -25.21 1.27
N CYS A 255 -2.87 -25.40 2.48
CA CYS A 255 -2.69 -24.29 3.42
C CYS A 255 -1.23 -24.26 3.87
N LYS A 256 -0.62 -23.08 3.82
CA LYS A 256 0.76 -22.88 4.26
C LYS A 256 1.07 -21.40 4.33
N ARG A 257 1.65 -20.94 5.44
CA ARG A 257 2.05 -19.54 5.58
C ARG A 257 3.52 -19.44 5.97
N THR A 258 4.04 -20.43 6.70
CA THR A 258 5.42 -20.39 7.17
C THR A 258 6.10 -21.75 6.92
N LEU A 259 7.32 -21.93 7.44
CA LEU A 259 7.93 -23.25 7.37
C LEU A 259 7.29 -24.13 8.44
N MET A 260 6.91 -25.35 8.06
CA MET A 260 6.36 -26.40 8.92
C MET A 260 4.90 -26.18 9.34
N ASP A 261 4.22 -25.15 8.83
CA ASP A 261 2.80 -25.02 9.11
C ASP A 261 1.96 -25.66 8.02
N ASP A 262 2.56 -26.50 7.18
CA ASP A 262 1.85 -27.08 6.05
C ASP A 262 0.61 -27.82 6.54
N ASN A 263 -0.52 -27.49 5.92
CA ASN A 263 -1.80 -28.17 6.17
C ASN A 263 -2.11 -28.28 7.67
N LYS A 264 -1.63 -27.32 8.46
CA LYS A 264 -2.03 -27.25 9.85
C LYS A 264 -3.42 -26.68 10.02
N VAL A 265 -3.88 -25.86 9.08
CA VAL A 265 -5.24 -25.33 9.07
C VAL A 265 -5.95 -25.85 7.82
N LEU A 266 -7.28 -25.90 7.89
CA LEU A 266 -8.07 -26.47 6.81
C LEU A 266 -8.31 -25.48 5.68
N TRP A 267 -8.59 -26.02 4.50
CA TRP A 267 -9.04 -25.26 3.35
C TRP A 267 -10.49 -25.60 3.05
N GLY A 268 -11.04 -24.93 2.04
CA GLY A 268 -12.40 -25.22 1.67
C GLY A 268 -13.03 -24.06 0.92
N SER A 269 -14.36 -24.08 0.90
CA SER A 269 -15.19 -23.13 0.19
C SER A 269 -16.37 -22.78 1.08
N TRP A 270 -17.16 -21.79 0.68
CA TRP A 270 -18.26 -21.33 1.49
C TRP A 270 -19.55 -21.38 0.69
N SER A 271 -20.64 -21.73 1.38
CA SER A 271 -21.98 -21.73 0.81
C SER A 271 -22.88 -20.92 1.71
N VAL A 272 -23.41 -19.82 1.19
CA VAL A 272 -24.30 -18.94 1.94
C VAL A 272 -25.72 -19.26 1.47
N LEU A 273 -26.51 -19.84 2.34
CA LEU A 273 -27.88 -20.22 2.04
C LEU A 273 -28.76 -19.27 2.83
N GLY A 274 -29.20 -18.21 2.15
CA GLY A 274 -30.10 -17.26 2.74
C GLY A 274 -31.56 -17.56 2.42
N PRO A 275 -32.47 -16.83 3.07
CA PRO A 275 -33.90 -17.04 2.77
C PRO A 275 -34.29 -16.78 1.32
N TRP A 276 -33.69 -15.77 0.67
CA TRP A 276 -34.09 -15.38 -0.67
C TRP A 276 -33.19 -15.97 -1.76
N ASN A 277 -31.89 -15.77 -1.65
CA ASN A 277 -30.92 -16.23 -2.63
C ASN A 277 -29.85 -17.09 -1.97
N ARG A 278 -29.19 -17.89 -2.79
CA ARG A 278 -28.11 -18.76 -2.38
C ARG A 278 -26.86 -18.43 -3.17
N PHE A 279 -25.71 -18.38 -2.48
CA PHE A 279 -24.44 -17.95 -3.05
C PHE A 279 -23.34 -18.95 -2.73
N PHE A 280 -22.45 -19.20 -3.70
CA PHE A 280 -21.35 -20.13 -3.51
C PHE A 280 -20.04 -19.41 -3.80
N PHE A 281 -19.03 -19.68 -2.96
CA PHE A 281 -17.70 -19.10 -3.12
C PHE A 281 -16.68 -20.21 -3.05
N ALA A 282 -16.03 -20.51 -4.17
CA ALA A 282 -15.12 -21.65 -4.20
C ALA A 282 -13.81 -21.34 -3.48
N GLY A 283 -13.23 -20.20 -3.78
CA GLY A 283 -11.91 -19.88 -3.22
C GLY A 283 -10.79 -20.35 -4.13
N ASP A 284 -9.98 -21.27 -3.64
CA ASP A 284 -8.93 -21.91 -4.44
C ASP A 284 -9.14 -23.40 -4.40
N THR A 285 -9.10 -24.03 -5.58
CA THR A 285 -9.29 -25.48 -5.67
C THR A 285 -8.91 -25.96 -7.05
N GLY A 286 -8.39 -27.19 -7.11
CA GLY A 286 -8.37 -27.92 -8.35
C GLY A 286 -9.65 -28.73 -8.50
N TYR A 287 -9.85 -29.29 -9.71
CA TYR A 287 -11.08 -30.03 -9.93
C TYR A 287 -11.08 -31.32 -9.13
N CYS A 288 -12.19 -31.57 -8.48
CA CYS A 288 -12.36 -32.69 -7.58
C CYS A 288 -13.86 -32.94 -7.43
N PRO A 289 -14.27 -33.98 -6.73
CA PRO A 289 -15.70 -34.15 -6.45
C PRO A 289 -16.14 -33.14 -5.41
N ALA A 290 -17.27 -33.40 -4.77
CA ALA A 290 -17.81 -32.61 -3.68
C ALA A 290 -18.47 -31.34 -4.19
N PHE A 291 -18.05 -30.85 -5.35
CA PHE A 291 -18.80 -29.77 -5.96
C PHE A 291 -20.16 -30.26 -6.43
N GLU A 292 -20.19 -31.47 -7.00
CA GLU A 292 -21.47 -32.14 -7.25
C GLU A 292 -22.19 -32.40 -5.93
N GLU A 293 -21.47 -32.87 -4.91
CA GLU A 293 -22.05 -33.02 -3.57
C GLU A 293 -22.62 -31.69 -3.08
N ILE A 294 -21.84 -30.61 -3.14
CA ILE A 294 -22.32 -29.28 -2.76
C ILE A 294 -23.61 -28.95 -3.49
N GLY A 295 -23.57 -29.07 -4.82
CA GLY A 295 -24.70 -28.80 -5.69
C GLY A 295 -25.90 -29.64 -5.37
N LYS A 296 -25.68 -30.75 -4.64
CA LYS A 296 -26.79 -31.66 -4.27
C LYS A 296 -27.35 -31.25 -2.91
N ARG A 297 -26.59 -31.48 -1.83
CA ARG A 297 -27.03 -31.05 -0.47
C ARG A 297 -27.73 -29.71 -0.60
N PHE A 298 -27.01 -28.68 -1.05
CA PHE A 298 -27.57 -27.36 -1.27
C PHE A 298 -27.89 -27.21 -2.75
N GLY A 299 -28.18 -26.00 -3.19
CA GLY A 299 -28.41 -25.78 -4.58
C GLY A 299 -29.84 -26.07 -4.98
N PRO A 300 -30.30 -25.42 -6.06
CA PRO A 300 -29.50 -24.59 -6.97
C PRO A 300 -29.09 -23.25 -6.34
N PHE A 301 -27.85 -22.85 -6.57
CA PHE A 301 -27.36 -21.55 -6.13
C PHE A 301 -27.71 -20.52 -7.20
N ASP A 302 -27.64 -19.25 -6.83
CA ASP A 302 -27.90 -18.21 -7.80
C ASP A 302 -26.61 -17.68 -8.43
N LEU A 303 -25.62 -17.32 -7.61
CA LEU A 303 -24.32 -16.89 -8.10
C LEU A 303 -23.23 -17.75 -7.46
N ALA A 304 -22.15 -17.97 -8.21
CA ALA A 304 -20.99 -18.68 -7.70
C ALA A 304 -19.72 -17.95 -8.14
N ALA A 305 -18.79 -17.80 -7.21
CA ALA A 305 -17.49 -17.18 -7.48
C ALA A 305 -16.46 -18.30 -7.63
N ILE A 306 -15.97 -18.49 -8.85
CA ILE A 306 -15.11 -19.62 -9.19
C ILE A 306 -13.77 -19.08 -9.69
N PRO A 307 -12.64 -19.60 -9.21
CA PRO A 307 -11.34 -19.13 -9.71
C PRO A 307 -11.08 -19.56 -11.15
N ILE A 308 -10.46 -18.67 -11.93
CA ILE A 308 -10.14 -18.96 -13.32
C ILE A 308 -8.69 -18.63 -13.64
N GLY A 309 -7.89 -18.25 -12.63
CA GLY A 309 -6.51 -17.89 -12.82
C GLY A 309 -5.57 -18.80 -12.04
N ALA A 310 -4.27 -18.66 -12.35
CA ALA A 310 -3.20 -19.45 -11.72
C ALA A 310 -3.32 -20.94 -12.02
N TYR A 311 -3.25 -21.29 -13.31
CA TYR A 311 -3.50 -22.71 -13.70
C TYR A 311 -2.30 -23.35 -14.40
N GLU A 312 -1.41 -22.55 -14.97
CA GLU A 312 -0.25 -23.10 -15.72
C GLU A 312 1.00 -22.94 -14.84
N PRO A 313 2.14 -23.62 -15.12
CA PRO A 313 2.18 -24.93 -15.77
C PRO A 313 1.13 -25.94 -15.29
N ARG A 314 0.36 -26.50 -16.22
CA ARG A 314 -0.72 -27.44 -15.83
C ARG A 314 -0.14 -28.56 -14.98
N TRP A 315 0.76 -29.36 -15.54
CA TRP A 315 1.34 -30.53 -14.80
CA TRP A 315 1.34 -30.53 -14.80
C TRP A 315 1.59 -30.39 -13.28
N PHE A 316 1.74 -29.13 -12.87
CA PHE A 316 2.00 -28.90 -11.43
C PHE A 316 0.78 -28.23 -10.79
N MET A 317 0.03 -27.47 -11.58
CA MET A 317 -1.07 -26.71 -11.02
C MET A 317 -2.40 -27.46 -11.06
N LYS A 318 -2.56 -28.42 -11.98
CA LYS A 318 -3.86 -29.03 -12.22
C LYS A 318 -4.47 -29.59 -10.94
N TYR A 319 -3.63 -30.09 -10.04
CA TYR A 319 -4.09 -30.77 -8.83
C TYR A 319 -4.49 -29.80 -7.75
N GLN A 320 -4.19 -28.54 -7.92
CA GLN A 320 -4.32 -27.60 -6.85
C GLN A 320 -5.01 -26.33 -7.31
N HIS A 321 -5.23 -26.18 -8.62
CA HIS A 321 -5.84 -25.00 -9.22
C HIS A 321 -6.58 -25.43 -10.48
N VAL A 322 -7.90 -25.19 -10.55
CA VAL A 322 -8.65 -25.46 -11.77
C VAL A 322 -8.15 -24.56 -12.90
N ASP A 323 -8.49 -24.94 -14.12
CA ASP A 323 -8.34 -24.11 -15.30
C ASP A 323 -9.70 -23.59 -15.72
N PRO A 324 -9.77 -22.62 -16.65
CA PRO A 324 -11.08 -22.03 -16.99
C PRO A 324 -12.12 -23.08 -17.40
N GLU A 325 -11.68 -24.09 -18.13
CA GLU A 325 -12.54 -25.20 -18.47
C GLU A 325 -13.03 -25.90 -17.21
N GLU A 326 -12.11 -26.21 -16.29
CA GLU A 326 -12.50 -26.83 -15.03
C GLU A 326 -13.42 -25.92 -14.20
N ALA A 327 -13.29 -24.60 -14.37
CA ALA A 327 -14.20 -23.66 -13.73
C ALA A 327 -15.62 -23.79 -14.32
N VAL A 328 -15.71 -23.92 -15.64
CA VAL A 328 -17.02 -24.21 -16.24
C VAL A 328 -17.55 -25.54 -15.70
N ARG A 329 -16.64 -26.48 -15.45
CA ARG A 329 -17.08 -27.73 -14.84
C ARG A 329 -17.76 -27.45 -13.52
N ILE A 330 -17.15 -26.56 -12.73
CA ILE A 330 -17.68 -26.16 -11.44
C ILE A 330 -19.06 -25.56 -11.60
N HIS A 331 -19.19 -24.61 -12.52
CA HIS A 331 -20.49 -24.00 -12.82
C HIS A 331 -21.55 -25.07 -13.03
N THR A 332 -21.25 -26.14 -13.78
CA THR A 332 -22.26 -27.18 -13.94
C THR A 332 -22.48 -27.96 -12.64
N ASP A 333 -21.40 -28.37 -11.96
CA ASP A 333 -21.53 -29.27 -10.83
C ASP A 333 -22.26 -28.62 -9.65
N VAL A 334 -21.95 -27.35 -9.37
CA VAL A 334 -22.51 -26.68 -8.20
C VAL A 334 -23.93 -26.22 -8.43
N GLN A 335 -24.45 -26.35 -9.66
CA GLN A 335 -25.84 -26.05 -9.99
C GLN A 335 -26.17 -24.58 -9.78
N THR A 336 -25.23 -23.70 -10.11
CA THR A 336 -25.49 -22.26 -10.05
C THR A 336 -26.14 -21.79 -11.34
N LYS A 337 -26.93 -20.73 -11.24
CA LYS A 337 -27.49 -20.14 -12.45
C LYS A 337 -26.48 -19.26 -13.17
N LYS A 338 -25.60 -18.57 -12.44
CA LYS A 338 -24.60 -17.69 -13.01
C LYS A 338 -23.32 -17.79 -12.19
N SER A 339 -22.21 -17.33 -12.77
CA SER A 339 -20.92 -17.44 -12.10
C SER A 339 -20.05 -16.23 -12.43
N MET A 340 -19.26 -15.75 -11.45
CA MET A 340 -18.58 -14.43 -11.62
C MET A 340 -17.08 -14.49 -11.94
N ALA A 341 -16.38 -15.58 -11.63
CA ALA A 341 -14.94 -15.70 -11.99
C ALA A 341 -14.06 -14.85 -11.07
N ILE A 342 -13.34 -15.49 -10.14
CA ILE A 342 -12.41 -14.83 -9.22
C ILE A 342 -11.01 -15.38 -9.48
N HIS A 343 -10.02 -14.96 -8.68
CA HIS A 343 -8.60 -15.14 -8.98
C HIS A 343 -8.33 -14.44 -10.30
N TRP A 344 -7.15 -14.58 -10.91
CA TRP A 344 -6.85 -13.94 -12.22
C TRP A 344 -6.85 -12.41 -12.18
N GLY A 345 -6.07 -11.78 -13.05
CA GLY A 345 -6.16 -10.34 -13.27
C GLY A 345 -5.54 -9.43 -12.22
N THR A 346 -5.24 -9.93 -11.04
CA THR A 346 -4.75 -9.05 -9.99
C THR A 346 -3.29 -9.30 -9.65
N PHE A 347 -2.93 -10.55 -9.38
CA PHE A 347 -1.56 -10.95 -9.09
C PHE A 347 -1.12 -12.00 -10.11
N ALA A 348 0.20 -12.11 -10.29
CA ALA A 348 0.81 -13.12 -11.17
C ALA A 348 1.39 -14.27 -10.34
N LEU A 349 0.59 -15.29 -10.07
CA LEU A 349 1.03 -16.42 -9.25
C LEU A 349 1.36 -17.66 -10.07
N ALA A 350 1.39 -17.53 -11.40
CA ALA A 350 1.65 -18.67 -12.28
C ALA A 350 2.29 -18.13 -13.55
N ASN A 351 2.33 -18.96 -14.60
CA ASN A 351 3.05 -18.62 -15.82
C ASN A 351 2.15 -18.20 -16.98
N GLU A 352 0.84 -18.31 -16.83
CA GLU A 352 -0.08 -17.97 -17.91
C GLU A 352 -0.08 -16.47 -18.16
N HIS A 353 -0.43 -16.09 -19.38
CA HIS A 353 -0.58 -14.69 -19.72
C HIS A 353 -1.72 -14.08 -18.91
N TYR A 354 -1.52 -12.84 -18.43
CA TYR A 354 -2.48 -12.26 -17.48
C TYR A 354 -3.87 -12.08 -18.09
N LEU A 355 -3.96 -11.93 -19.41
CA LEU A 355 -5.25 -11.82 -20.09
C LEU A 355 -5.79 -13.15 -20.59
N GLU A 356 -5.00 -14.23 -20.53
CA GLU A 356 -5.46 -15.52 -21.02
C GLU A 356 -6.72 -16.06 -20.33
N PRO A 357 -6.85 -16.00 -19.00
CA PRO A 357 -7.94 -16.75 -18.33
C PRO A 357 -9.33 -16.38 -18.83
N PRO A 358 -9.62 -15.09 -19.11
CA PRO A 358 -10.94 -14.80 -19.72
C PRO A 358 -11.14 -15.46 -21.07
N VAL A 359 -10.11 -15.43 -21.93
CA VAL A 359 -10.25 -16.02 -23.26
C VAL A 359 -10.48 -17.52 -23.16
N LYS A 360 -9.69 -18.20 -22.33
CA LYS A 360 -9.88 -19.64 -22.18
C LYS A 360 -11.22 -19.97 -21.54
N LEU A 361 -11.71 -19.10 -20.65
CA LEU A 361 -13.03 -19.32 -20.07
C LEU A 361 -14.12 -19.27 -21.13
N ASN A 362 -14.07 -18.27 -22.00
CA ASN A 362 -15.07 -18.17 -23.06
C ASN A 362 -14.97 -19.36 -24.02
N GLU A 363 -13.75 -19.86 -24.22
CA GLU A 363 -13.60 -21.09 -25.06
C GLU A 363 -14.40 -22.21 -24.38
N ALA A 364 -14.07 -22.53 -23.13
CA ALA A 364 -14.80 -23.57 -22.38
C ALA A 364 -16.30 -23.24 -22.39
N LEU A 365 -16.64 -21.96 -22.30
CA LEU A 365 -18.08 -21.63 -22.23
C LEU A 365 -18.78 -22.25 -23.44
N GLU A 366 -18.36 -21.88 -24.66
CA GLU A 366 -19.06 -22.38 -25.86
C GLU A 366 -18.97 -23.90 -25.90
N ARG A 367 -17.77 -24.46 -25.84
CA ARG A 367 -17.59 -25.92 -25.93
C ARG A 367 -18.66 -26.65 -25.11
N TYR A 368 -18.93 -26.18 -23.90
CA TYR A 368 -19.88 -26.91 -23.01
C TYR A 368 -21.32 -26.48 -23.27
N GLY A 369 -21.56 -25.81 -24.40
CA GLY A 369 -22.94 -25.42 -24.72
C GLY A 369 -23.44 -24.36 -23.78
N LEU A 370 -22.62 -23.34 -23.52
CA LEU A 370 -22.99 -22.26 -22.63
C LEU A 370 -22.59 -20.95 -23.29
N ASN A 371 -22.95 -19.83 -22.66
CA ASN A 371 -22.72 -18.53 -23.25
C ASN A 371 -22.25 -17.56 -22.17
N ALA A 372 -21.79 -16.38 -22.60
CA ALA A 372 -21.07 -15.48 -21.70
C ALA A 372 -21.94 -14.98 -20.54
N GLU A 373 -23.24 -14.84 -20.73
CA GLU A 373 -24.12 -14.49 -19.62
C GLU A 373 -24.03 -15.51 -18.48
N ASP A 374 -23.93 -16.80 -18.82
CA ASP A 374 -23.95 -17.83 -17.79
C ASP A 374 -22.76 -17.71 -16.83
N PHE A 375 -21.57 -17.38 -17.37
CA PHE A 375 -20.35 -17.30 -16.59
C PHE A 375 -19.63 -16.02 -17.03
N PHE A 376 -19.70 -14.99 -16.22
CA PHE A 376 -19.25 -13.67 -16.64
C PHE A 376 -18.04 -13.23 -15.82
N VAL A 377 -17.21 -12.38 -16.43
CA VAL A 377 -16.09 -11.76 -15.76
C VAL A 377 -16.39 -10.28 -15.61
N LEU A 378 -16.22 -9.75 -14.41
CA LEU A 378 -16.43 -8.33 -14.21
C LEU A 378 -15.10 -7.60 -14.36
N LYS A 379 -15.19 -6.28 -14.44
CA LYS A 379 -14.00 -5.45 -14.39
C LYS A 379 -13.60 -5.22 -12.93
N HIS A 380 -12.38 -4.73 -12.75
CA HIS A 380 -11.90 -4.40 -11.40
C HIS A 380 -12.77 -3.29 -10.84
N GLY A 381 -13.53 -3.59 -9.78
CA GLY A 381 -14.39 -2.61 -9.17
C GLY A 381 -15.83 -2.62 -9.66
N GLU A 382 -16.14 -3.36 -10.72
CA GLU A 382 -17.51 -3.40 -11.22
C GLU A 382 -18.42 -4.13 -10.26
N SER A 383 -19.70 -3.75 -10.30
CA SER A 383 -20.72 -4.41 -9.51
C SER A 383 -21.74 -5.02 -10.47
N ARG A 384 -22.58 -5.89 -9.91
CA ARG A 384 -23.61 -6.53 -10.72
C ARG A 384 -24.79 -6.92 -9.83
N TYR A 385 -25.99 -6.59 -10.27
CA TYR A 385 -27.23 -6.89 -9.58
C TYR A 385 -27.93 -8.05 -10.27
N LEU A 386 -28.51 -8.96 -9.48
CA LEU A 386 -29.11 -10.19 -10.01
C LEU A 386 -30.49 -10.37 -9.42
N ASN A 387 -31.52 -10.14 -10.24
CA ASN A 387 -32.89 -10.37 -9.80
C ASN A 387 -33.43 -11.72 -10.26
N ASN A 388 -32.71 -12.78 -9.90
CA ASN A 388 -33.24 -14.14 -10.04
C ASN A 388 -33.64 -14.65 -8.67
N LYS B 56 35.19 29.88 -0.92
CA LYS B 56 35.01 30.25 0.50
C LYS B 56 35.71 29.23 1.40
N SER B 57 35.35 29.17 2.68
CA SER B 57 36.05 28.25 3.62
C SER B 57 35.29 28.17 4.95
N LYS B 58 34.57 29.22 5.32
CA LYS B 58 33.86 29.25 6.63
C LYS B 58 32.65 28.31 6.55
N LYS B 59 32.81 27.16 5.93
CA LYS B 59 31.70 26.19 5.79
C LYS B 59 32.02 24.95 6.61
N GLY B 60 31.10 24.55 7.51
CA GLY B 60 31.34 23.35 8.28
C GLY B 60 31.19 22.11 7.44
N LYS B 61 32.31 21.44 7.23
CA LYS B 61 32.45 20.13 6.61
C LYS B 61 32.25 19.00 7.62
N ASP B 62 32.11 17.80 7.09
CA ASP B 62 32.10 16.59 7.90
C ASP B 62 33.50 16.33 8.44
N GLY B 63 33.58 15.84 9.67
CA GLY B 63 32.41 15.38 10.39
C GLY B 63 32.35 13.88 10.25
N ARG B 64 33.47 13.23 10.51
CA ARG B 64 33.56 11.78 10.49
C ARG B 64 34.45 11.38 11.66
N PHE B 65 33.85 10.74 12.66
CA PHE B 65 34.59 10.21 13.80
C PHE B 65 35.31 8.95 13.34
N VAL B 66 35.87 8.21 14.31
CA VAL B 66 36.67 6.99 14.02
C VAL B 66 36.35 6.48 12.61
N ASN B 67 35.11 6.03 12.40
CA ASN B 67 34.70 5.48 11.08
C ASN B 67 33.42 6.18 10.62
N PRO B 68 32.36 6.29 11.46
CA PRO B 68 31.10 6.87 11.02
C PRO B 68 31.09 8.40 11.08
N TRP B 69 29.93 9.01 10.89
CA TRP B 69 29.79 10.47 10.89
C TRP B 69 29.10 10.98 12.14
N PRO B 70 29.70 11.86 12.93
CA PRO B 70 28.94 12.59 13.94
C PRO B 70 28.48 13.91 13.34
N THR B 71 27.58 14.57 14.06
CA THR B 71 27.22 15.92 13.65
C THR B 71 28.34 16.83 14.16
N TRP B 72 29.01 17.54 13.25
CA TRP B 72 30.02 18.49 13.68
C TRP B 72 29.45 19.49 14.67
N LYS B 73 28.16 19.77 14.55
CA LYS B 73 27.50 20.77 15.35
C LYS B 73 27.61 20.47 16.84
N ASN B 74 27.83 21.51 17.63
CA ASN B 74 27.93 21.36 19.08
C ASN B 74 26.65 20.92 19.78
N PRO B 75 25.42 21.24 19.34
CA PRO B 75 24.24 20.89 20.16
C PRO B 75 23.96 19.39 20.28
N SER B 76 24.49 18.53 19.41
CA SER B 76 24.13 17.11 19.48
CA SER B 76 24.12 17.12 19.48
C SER B 76 24.63 16.48 20.77
N ILE B 77 23.86 15.51 21.27
CA ILE B 77 24.28 14.66 22.38
C ILE B 77 23.98 13.23 21.94
N PRO B 78 24.93 12.29 22.10
CA PRO B 78 24.68 10.89 21.71
C PRO B 78 23.87 10.02 22.67
N ASN B 79 22.55 9.96 22.50
CA ASN B 79 21.74 8.98 23.24
C ASN B 79 20.39 8.84 22.53
N VAL B 80 20.15 7.67 21.92
CA VAL B 80 18.87 7.35 21.30
C VAL B 80 18.48 5.94 21.76
N LEU B 81 17.18 5.71 21.99
CA LEU B 81 16.70 4.38 22.33
C LEU B 81 15.63 3.87 21.35
N ARG B 82 15.64 4.38 20.11
CA ARG B 82 14.87 3.79 19.01
C ARG B 82 13.35 3.69 19.12
N TRP B 83 12.72 3.38 17.98
CA TRP B 83 11.27 3.37 17.77
C TRP B 83 10.71 1.95 17.89
N LEU B 84 9.94 1.69 18.96
CA LEU B 84 9.15 0.46 19.06
C LEU B 84 7.66 0.70 19.17
N ILE B 85 7.25 1.73 19.93
CA ILE B 85 5.87 2.20 20.20
C ILE B 85 5.96 3.11 21.44
N MET B 86 7.17 3.23 22.03
CA MET B 86 7.34 3.81 23.37
C MET B 86 6.77 5.22 23.48
N GLU B 87 7.21 6.16 22.61
CA GLU B 87 6.63 7.50 22.68
C GLU B 87 5.78 7.81 21.46
N LYS B 88 5.57 6.83 20.57
CA LYS B 88 4.59 7.01 19.50
C LYS B 88 3.19 6.88 20.06
N ASP B 89 2.89 5.72 20.68
CA ASP B 89 1.60 5.35 21.28
C ASP B 89 0.43 6.00 20.54
N HIS B 90 -0.53 6.57 21.28
CA HIS B 90 -1.56 7.43 20.69
C HIS B 90 -1.68 8.75 21.45
N SER B 91 -0.58 9.49 21.61
CA SER B 91 -0.79 10.76 22.33
C SER B 91 -1.53 11.81 21.51
N SER B 92 -1.85 11.52 20.25
CA SER B 92 -2.72 12.36 19.44
C SER B 92 -4.10 11.79 19.19
N VAL B 93 -4.20 10.45 19.25
CA VAL B 93 -5.50 9.76 19.01
C VAL B 93 -6.16 10.31 17.75
N PRO B 94 -5.55 10.22 16.54
CA PRO B 94 -6.22 10.64 15.32
C PRO B 94 -7.53 9.84 15.32
N SER B 95 -8.68 10.52 15.43
CA SER B 95 -9.97 9.79 15.58
C SER B 95 -10.44 9.19 14.24
N SER B 96 -11.76 9.16 14.02
CA SER B 96 -12.32 8.51 12.81
C SER B 96 -11.65 9.05 11.54
N LYS B 97 -11.44 8.17 10.55
CA LYS B 97 -10.83 8.62 9.25
C LYS B 97 -11.63 9.80 8.73
N GLU B 98 -12.92 9.87 9.06
CA GLU B 98 -13.78 11.00 8.62
C GLU B 98 -13.28 12.28 9.30
N GLU B 99 -13.15 12.25 10.63
CA GLU B 99 -12.57 13.42 11.34
C GLU B 99 -11.20 13.69 10.71
N LEU B 100 -10.40 12.63 10.53
CA LEU B 100 -9.09 12.80 9.85
C LEU B 100 -9.31 13.52 8.53
N ASP B 101 -10.39 13.18 7.81
CA ASP B 101 -10.72 13.90 6.55
C ASP B 101 -11.10 15.33 6.90
N LYS B 102 -12.16 15.53 7.70
CA LYS B 102 -12.62 16.86 8.02
C LYS B 102 -11.43 17.75 8.36
N GLU B 103 -10.61 17.32 9.33
CA GLU B 103 -9.44 18.13 9.71
C GLU B 103 -8.37 18.12 8.62
N LEU B 104 -8.00 16.94 8.12
CA LEU B 104 -6.92 16.77 7.16
C LEU B 104 -7.44 16.12 5.88
N PRO B 105 -8.03 16.90 4.97
CA PRO B 105 -8.55 16.30 3.74
C PRO B 105 -7.41 15.99 2.77
N VAL B 106 -7.56 14.88 2.07
CA VAL B 106 -6.61 14.49 1.03
C VAL B 106 -7.14 14.99 -0.31
N LEU B 107 -6.36 15.83 -0.98
CA LEU B 107 -6.75 16.35 -2.28
C LEU B 107 -6.18 15.50 -3.42
N LYS B 108 -6.88 15.52 -4.54
CA LYS B 108 -6.43 14.87 -5.75
C LYS B 108 -5.48 15.82 -6.48
N PRO B 109 -4.22 15.45 -6.66
CA PRO B 109 -3.25 16.37 -7.26
C PRO B 109 -3.67 16.80 -8.65
N TYR B 110 -3.17 17.98 -9.05
CA TYR B 110 -3.58 18.56 -10.32
C TYR B 110 -3.20 17.64 -11.48
N PHE B 111 -2.02 17.03 -11.43
CA PHE B 111 -1.55 16.24 -12.57
C PHE B 111 -2.36 14.97 -12.80
N ILE B 112 -3.40 14.72 -12.00
CA ILE B 112 -4.27 13.58 -12.19
C ILE B 112 -5.40 13.90 -13.16
N THR B 113 -6.08 15.01 -12.91
CA THR B 113 -7.17 15.44 -13.79
C THR B 113 -6.63 16.17 -15.02
N ASN B 114 -5.49 16.84 -14.91
CA ASN B 114 -4.88 17.59 -16.00
C ASN B 114 -3.41 17.21 -16.13
N PRO B 115 -3.10 15.98 -16.56
CA PRO B 115 -1.68 15.58 -16.66
C PRO B 115 -0.82 16.54 -17.47
N GLU B 116 -1.41 17.37 -18.31
CA GLU B 116 -0.67 18.43 -18.98
CA GLU B 116 -0.67 18.44 -18.97
C GLU B 116 -0.42 19.53 -17.94
N GLU B 117 0.12 20.67 -18.38
CA GLU B 117 0.38 21.78 -17.46
C GLU B 117 1.41 21.42 -16.40
N ALA B 118 1.99 20.23 -16.49
CA ALA B 118 2.94 19.74 -15.51
C ALA B 118 4.38 20.17 -15.79
N GLY B 119 4.58 21.19 -16.61
CA GLY B 119 5.88 21.80 -16.75
C GLY B 119 6.05 22.87 -15.70
N VAL B 120 6.80 23.91 -16.04
CA VAL B 120 6.80 25.10 -15.21
C VAL B 120 6.73 26.33 -16.10
N ARG B 121 7.07 26.14 -17.39
CA ARG B 121 7.14 27.25 -18.35
C ARG B 121 8.10 28.31 -17.82
N GLU B 122 9.23 27.86 -17.27
CA GLU B 122 10.27 28.72 -16.72
C GLU B 122 9.56 29.62 -15.71
N ALA B 123 9.83 30.92 -15.71
CA ALA B 123 9.25 31.88 -14.78
C ALA B 123 9.28 31.40 -13.34
N GLY B 124 8.13 30.98 -12.85
CA GLY B 124 7.94 30.60 -11.46
C GLY B 124 8.46 29.25 -11.05
N LEU B 125 7.83 28.72 -10.01
CA LEU B 125 8.20 27.53 -9.27
C LEU B 125 6.91 26.90 -8.79
N ARG B 126 6.68 25.63 -9.08
CA ARG B 126 5.46 24.99 -8.63
C ARG B 126 5.80 23.88 -7.66
N VAL B 127 5.00 23.74 -6.60
CA VAL B 127 5.29 22.70 -5.62
C VAL B 127 4.00 21.96 -5.29
N THR B 128 4.14 20.68 -4.96
CA THR B 128 3.02 19.84 -4.54
C THR B 128 3.44 19.01 -3.35
N TRP B 129 2.63 19.03 -2.29
CA TRP B 129 2.89 18.24 -1.10
C TRP B 129 2.21 16.88 -1.23
N LEU B 130 2.99 15.81 -1.20
CA LEU B 130 2.48 14.45 -1.31
C LEU B 130 2.50 13.71 0.02
N GLY B 131 2.54 14.44 1.13
CA GLY B 131 2.56 13.84 2.44
C GLY B 131 3.96 13.78 3.01
N HIS B 132 4.03 13.78 4.36
CA HIS B 132 5.28 13.76 5.12
C HIS B 132 6.33 14.66 4.48
N ALA B 133 7.47 14.08 4.11
CA ALA B 133 8.55 14.81 3.47
C ALA B 133 8.59 14.62 1.95
N THR B 134 7.59 13.97 1.37
CA THR B 134 7.49 13.83 -0.08
C THR B 134 7.08 15.17 -0.68
N VAL B 135 7.99 15.80 -1.42
CA VAL B 135 7.64 17.06 -2.08
C VAL B 135 8.01 16.98 -3.55
N MET B 136 7.12 17.44 -4.43
CA MET B 136 7.38 17.47 -5.86
C MET B 136 7.56 18.93 -6.31
N VAL B 137 8.75 19.26 -6.80
CA VAL B 137 9.11 20.62 -7.19
C VAL B 137 9.30 20.68 -8.69
N GLU B 138 8.60 21.61 -9.35
CA GLU B 138 8.79 21.89 -10.77
C GLU B 138 9.41 23.26 -10.93
N MET B 139 10.59 23.29 -11.54
CA MET B 139 11.36 24.52 -11.72
C MET B 139 12.38 24.33 -12.83
N ASP B 140 12.70 25.42 -13.49
CA ASP B 140 13.77 25.50 -14.48
C ASP B 140 13.80 24.24 -15.35
N GLU B 141 12.65 23.96 -15.94
CA GLU B 141 12.48 22.84 -16.87
C GLU B 141 12.92 21.51 -16.26
N LEU B 142 12.40 21.22 -15.07
CA LEU B 142 12.83 20.05 -14.31
C LEU B 142 11.79 19.76 -13.25
N ILE B 143 11.43 18.49 -13.14
CA ILE B 143 10.52 18.06 -12.10
C ILE B 143 11.29 17.08 -11.22
N PHE B 144 11.45 17.39 -9.93
CA PHE B 144 12.14 16.45 -9.05
C PHE B 144 11.32 16.17 -7.80
N LEU B 145 11.50 14.96 -7.28
CA LEU B 145 10.83 14.48 -6.09
C LEU B 145 11.79 14.47 -4.92
N THR B 146 11.25 14.62 -3.71
CA THR B 146 12.07 14.55 -2.50
C THR B 146 11.43 13.59 -1.52
N ASP B 147 12.29 12.74 -0.91
CA ASP B 147 11.99 11.72 0.09
C ASP B 147 10.68 11.00 -0.22
N PRO B 148 10.61 10.22 -1.30
CA PRO B 148 9.31 9.65 -1.72
C PRO B 148 8.91 8.47 -0.86
N ILE B 149 7.77 8.59 -0.18
CA ILE B 149 7.19 7.50 0.60
C ILE B 149 5.76 7.32 0.14
N PHE B 150 5.48 6.19 -0.51
CA PHE B 150 4.15 5.91 -1.00
C PHE B 150 3.52 4.70 -0.34
N SER B 151 4.29 3.89 0.37
CA SER B 151 3.73 2.76 1.09
C SER B 151 2.91 3.25 2.28
N SER B 152 2.10 2.35 2.83
CA SER B 152 1.30 2.74 3.98
C SER B 152 2.15 2.77 5.25
N ARG B 153 3.11 1.86 5.38
CA ARG B 153 3.91 1.73 6.57
C ARG B 153 5.35 2.05 6.26
N ALA B 154 5.99 2.83 7.15
CA ALA B 154 7.40 3.16 7.02
C ALA B 154 8.18 2.28 7.97
N SER B 155 8.41 1.04 7.55
CA SER B 155 9.01 0.05 8.43
C SER B 155 9.62 -1.05 7.57
N PRO B 156 10.61 -1.78 8.10
CA PRO B 156 11.14 -2.92 7.34
C PRO B 156 10.26 -4.15 7.44
N SER B 157 9.34 -4.18 8.40
CA SER B 157 8.41 -5.28 8.55
C SER B 157 7.04 -4.86 8.05
N GLN B 158 6.17 -5.85 7.88
CA GLN B 158 4.80 -5.63 7.46
C GLN B 158 3.86 -5.72 8.63
N TYR B 159 4.39 -6.05 9.81
CA TYR B 159 3.59 -6.39 10.97
C TYR B 159 3.72 -5.37 12.09
N MET B 160 4.81 -4.60 12.09
CA MET B 160 5.01 -3.53 13.05
C MET B 160 5.63 -2.33 12.34
N GLY B 161 5.42 -1.15 12.91
CA GLY B 161 5.96 0.07 12.36
C GLY B 161 4.91 1.14 12.18
N PRO B 162 5.35 2.39 12.05
CA PRO B 162 4.40 3.51 11.91
C PRO B 162 3.70 3.47 10.55
N LYS B 163 2.37 3.35 10.59
CA LYS B 163 1.54 3.26 9.40
C LYS B 163 0.77 4.56 9.23
N ARG B 164 0.87 5.17 8.06
CA ARG B 164 0.32 6.50 7.83
C ARG B 164 -1.19 6.51 8.08
N PHE B 165 -1.67 7.58 8.69
CA PHE B 165 -3.09 7.77 8.89
C PHE B 165 -3.73 8.60 7.77
N ARG B 166 -2.93 9.04 6.79
CA ARG B 166 -3.46 9.73 5.62
C ARG B 166 -2.93 9.02 4.39
N ARG B 167 -3.83 8.57 3.52
CA ARG B 167 -3.41 7.89 2.30
C ARG B 167 -2.60 8.84 1.43
N SER B 168 -1.70 8.26 0.63
CA SER B 168 -0.89 9.09 -0.26
C SER B 168 -1.79 9.74 -1.31
N PRO B 169 -1.57 11.01 -1.64
CA PRO B 169 -2.49 11.69 -2.56
C PRO B 169 -2.58 11.03 -3.92
N CYS B 170 -1.48 10.47 -4.41
CA CYS B 170 -1.44 9.86 -5.72
C CYS B 170 -0.61 8.59 -5.66
N THR B 171 -0.43 7.92 -6.80
CA THR B 171 0.42 6.73 -6.90
C THR B 171 1.56 7.08 -7.83
N ILE B 172 2.57 6.20 -7.91
CA ILE B 172 3.72 6.43 -8.83
C ILE B 172 3.18 6.44 -10.26
N SER B 173 2.34 5.47 -10.63
CA SER B 173 1.86 5.40 -12.01
C SER B 173 1.25 6.74 -12.44
N GLU B 174 0.56 7.43 -11.52
CA GLU B 174 -0.10 8.70 -11.83
C GLU B 174 0.83 9.91 -11.87
N LEU B 175 2.04 9.85 -11.32
CA LEU B 175 2.86 11.09 -11.25
C LEU B 175 3.57 11.38 -12.58
N PRO B 176 3.67 12.65 -13.02
CA PRO B 176 4.29 12.99 -14.33
C PRO B 176 5.77 12.65 -14.37
N PRO B 177 6.42 12.80 -15.53
CA PRO B 177 7.85 12.44 -15.65
C PRO B 177 8.76 13.11 -14.65
N ILE B 178 9.42 12.29 -13.83
CA ILE B 178 10.39 12.76 -12.84
C ILE B 178 11.79 12.74 -13.44
N ASP B 179 12.50 13.85 -13.32
CA ASP B 179 13.87 13.91 -13.78
C ASP B 179 14.91 13.59 -12.71
N ALA B 180 14.60 13.77 -11.43
CA ALA B 180 15.53 13.43 -10.36
C ALA B 180 14.77 13.22 -9.05
N VAL B 181 15.41 12.51 -8.12
CA VAL B 181 14.89 12.34 -6.77
C VAL B 181 15.97 12.75 -5.79
N LEU B 182 15.57 13.38 -4.68
CA LEU B 182 16.48 13.83 -3.64
C LEU B 182 16.21 13.06 -2.35
N ILE B 183 17.28 12.53 -1.76
CA ILE B 183 17.19 11.77 -0.52
C ILE B 183 17.96 12.53 0.55
N SER B 184 17.25 12.96 1.61
CA SER B 184 17.88 13.68 2.72
C SER B 184 18.70 12.73 3.59
N HIS B 185 18.06 11.72 4.17
CA HIS B 185 18.74 10.69 4.95
C HIS B 185 18.04 9.37 4.68
N ASN B 186 18.42 8.31 5.40
CA ASN B 186 18.00 6.95 5.05
C ASN B 186 16.86 6.39 5.91
N HIS B 187 16.26 7.19 6.78
CA HIS B 187 15.22 6.63 7.64
C HIS B 187 14.03 6.13 6.81
N TYR B 188 13.30 5.16 7.39
CA TYR B 188 12.22 4.45 6.72
C TYR B 188 11.07 5.37 6.32
N ASP B 189 10.92 6.52 6.96
CA ASP B 189 9.88 7.47 6.59
C ASP B 189 10.35 8.42 5.51
N HIS B 190 11.58 8.25 5.00
CA HIS B 190 12.09 9.09 3.92
C HIS B 190 12.63 8.23 2.79
N LEU B 191 13.11 7.04 3.12
CA LEU B 191 13.59 6.06 2.14
C LEU B 191 12.65 4.87 2.19
N ASP B 192 11.85 4.68 1.15
CA ASP B 192 10.87 3.60 1.10
C ASP B 192 11.25 2.64 -0.01
N TYR B 193 11.77 1.46 0.39
CA TYR B 193 12.22 0.45 -0.58
C TYR B 193 11.22 0.28 -1.72
N ASN B 194 9.94 0.06 -1.38
CA ASN B 194 8.90 -0.14 -2.38
C ASN B 194 8.76 1.09 -3.28
N SER B 195 8.82 2.30 -2.72
CA SER B 195 8.77 3.49 -3.56
C SER B 195 9.94 3.54 -4.53
N VAL B 196 11.16 3.25 -4.05
CA VAL B 196 12.30 3.21 -4.96
C VAL B 196 12.07 2.18 -6.06
N ILE B 197 11.55 1.00 -5.68
CA ILE B 197 11.31 -0.05 -6.66
C ILE B 197 10.34 0.44 -7.74
N ALA B 198 9.23 1.05 -7.31
CA ALA B 198 8.26 1.55 -8.27
C ALA B 198 8.86 2.63 -9.17
N LEU B 199 9.55 3.59 -8.56
CA LEU B 199 10.17 4.69 -9.34
C LEU B 199 11.10 4.10 -10.40
N ASN B 200 11.97 3.18 -10.01
CA ASN B 200 12.93 2.62 -10.95
C ASN B 200 12.30 1.66 -11.95
N GLU B 201 11.12 1.11 -11.65
CA GLU B 201 10.45 0.28 -12.64
C GLU B 201 9.81 1.15 -13.70
N ARG B 202 9.05 2.14 -13.27
CA ARG B 202 8.42 3.06 -14.22
C ARG B 202 9.46 3.81 -15.04
N PHE B 203 10.27 4.62 -14.36
CA PHE B 203 11.43 5.27 -14.96
C PHE B 203 12.57 4.26 -14.89
N GLY B 204 13.80 4.73 -15.05
CA GLY B 204 14.93 3.82 -15.00
C GLY B 204 16.17 4.66 -14.92
N ASN B 205 17.09 4.39 -15.84
CA ASN B 205 18.17 5.35 -16.10
C ASN B 205 17.61 6.73 -16.41
N GLU B 206 16.29 6.84 -16.67
CA GLU B 206 15.71 8.17 -16.83
C GLU B 206 15.72 8.96 -15.54
N LEU B 207 15.87 8.29 -14.40
CA LEU B 207 15.77 8.92 -13.08
C LEU B 207 17.16 9.06 -12.49
N ARG B 208 17.59 10.30 -12.26
CA ARG B 208 18.82 10.54 -11.52
C ARG B 208 18.51 10.60 -10.02
N TRP B 209 19.24 9.83 -9.22
CA TRP B 209 19.04 9.81 -7.78
C TRP B 209 20.19 10.55 -7.11
N PHE B 210 19.86 11.54 -6.28
CA PHE B 210 20.85 12.27 -5.48
C PHE B 210 20.77 11.80 -4.03
N VAL B 211 21.83 11.14 -3.56
CA VAL B 211 21.84 10.54 -2.23
C VAL B 211 23.06 10.99 -1.44
N PRO B 212 23.01 10.89 -0.12
CA PRO B 212 24.19 11.14 0.71
C PRO B 212 25.26 10.07 0.51
N LEU B 213 26.43 10.33 1.09
CA LEU B 213 27.49 9.32 1.17
C LEU B 213 27.02 8.07 1.90
N GLY B 214 27.32 6.91 1.32
CA GLY B 214 26.98 5.63 1.90
C GLY B 214 25.77 4.96 1.30
N LEU B 215 24.98 5.69 0.51
CA LEU B 215 23.77 5.13 -0.05
C LEU B 215 23.94 4.70 -1.50
N LEU B 216 25.07 5.01 -2.12
CA LEU B 216 25.30 4.59 -3.51
C LEU B 216 25.12 3.09 -3.65
N ASP B 217 25.77 2.34 -2.77
CA ASP B 217 25.65 0.89 -2.77
C ASP B 217 24.20 0.45 -2.69
N TRP B 218 23.50 0.85 -1.61
CA TRP B 218 22.08 0.55 -1.42
C TRP B 218 21.26 0.85 -2.68
N MET B 219 21.52 2.01 -3.30
CA MET B 219 20.77 2.38 -4.51
C MET B 219 20.97 1.37 -5.63
N GLN B 220 22.23 1.04 -5.95
CA GLN B 220 22.42 0.04 -7.01
C GLN B 220 21.84 -1.31 -6.58
N LYS B 221 21.97 -1.64 -5.30
CA LYS B 221 21.38 -2.86 -4.75
C LYS B 221 19.89 -2.92 -5.07
N CYS B 222 19.23 -1.76 -5.07
CA CYS B 222 17.83 -1.69 -5.44
C CYS B 222 17.62 -1.80 -6.94
N GLY B 223 18.59 -1.36 -7.73
CA GLY B 223 18.46 -1.47 -9.16
C GLY B 223 18.51 -0.13 -9.87
N CYS B 224 19.09 0.87 -9.24
CA CYS B 224 19.21 2.19 -9.82
C CYS B 224 20.62 2.39 -10.36
N GLU B 225 20.72 2.87 -11.60
CA GLU B 225 22.01 3.08 -12.24
C GLU B 225 22.42 4.54 -12.29
N ASN B 226 21.46 5.46 -12.41
CA ASN B 226 21.74 6.90 -12.42
C ASN B 226 21.69 7.45 -10.99
N VAL B 227 22.73 7.11 -10.20
CA VAL B 227 22.80 7.41 -8.78
C VAL B 227 24.07 8.21 -8.49
N ILE B 228 23.94 9.23 -7.63
CA ILE B 228 25.02 10.18 -7.36
C ILE B 228 25.15 10.33 -5.84
N GLU B 229 26.32 9.99 -5.30
CA GLU B 229 26.63 10.20 -3.89
C GLU B 229 27.29 11.57 -3.69
N LEU B 230 26.76 12.35 -2.75
CA LEU B 230 27.24 13.72 -2.54
C LEU B 230 27.56 13.94 -1.06
N ASP B 231 28.55 14.78 -0.81
CA ASP B 231 28.99 15.05 0.58
C ASP B 231 28.64 16.48 0.98
N TRP B 232 29.05 16.90 2.19
CA TRP B 232 28.83 18.30 2.63
C TRP B 232 29.35 19.25 1.55
N TRP B 233 28.56 20.25 1.16
CA TRP B 233 29.06 21.26 0.20
C TRP B 233 29.61 20.59 -1.06
N GLU B 234 28.86 19.67 -1.67
CA GLU B 234 29.29 19.04 -2.91
C GLU B 234 28.13 19.06 -3.89
N GLU B 235 28.45 19.21 -5.17
CA GLU B 235 27.44 19.56 -6.15
C GLU B 235 27.51 18.63 -7.34
N ASN B 236 26.45 18.67 -8.13
CA ASN B 236 26.27 17.90 -9.35
C ASN B 236 25.05 18.47 -10.05
N CYS B 237 24.70 17.87 -11.18
CA CYS B 237 23.60 18.36 -11.98
C CYS B 237 22.93 17.16 -12.65
N VAL B 238 21.98 17.44 -13.54
CA VAL B 238 21.31 16.42 -14.31
C VAL B 238 21.98 16.47 -15.68
N PRO B 239 22.28 15.32 -16.29
CA PRO B 239 23.07 15.34 -17.55
C PRO B 239 22.54 16.32 -18.59
N GLY B 240 21.24 16.31 -18.84
CA GLY B 240 20.63 17.26 -19.75
C GLY B 240 20.76 18.70 -19.30
N HIS B 241 20.21 19.02 -18.13
CA HIS B 241 20.09 20.38 -17.62
C HIS B 241 21.28 20.74 -16.73
N ASP B 242 22.33 21.32 -17.32
CA ASP B 242 23.53 21.65 -16.58
C ASP B 242 23.44 23.02 -15.92
N LYS B 243 22.52 23.88 -16.37
CA LYS B 243 22.32 25.18 -15.72
C LYS B 243 21.84 25.05 -14.27
N VAL B 244 21.19 23.93 -13.92
CA VAL B 244 20.81 23.65 -12.53
C VAL B 244 21.91 22.88 -11.82
N THR B 245 22.17 23.26 -10.57
CA THR B 245 23.13 22.57 -9.71
C THR B 245 22.41 22.04 -8.48
N PHE B 246 22.69 20.78 -8.14
CA PHE B 246 22.15 20.17 -6.92
C PHE B 246 23.29 20.07 -5.93
N VAL B 247 23.10 20.64 -4.73
CA VAL B 247 24.16 20.70 -3.74
C VAL B 247 23.66 20.01 -2.48
N PHE B 248 24.49 19.13 -1.94
CA PHE B 248 24.23 18.53 -0.64
C PHE B 248 24.78 19.44 0.45
N THR B 249 23.93 19.83 1.39
CA THR B 249 24.28 20.76 2.45
C THR B 249 24.07 20.09 3.82
N PRO B 250 24.75 20.58 4.85
CA PRO B 250 24.69 19.92 6.16
C PRO B 250 23.30 19.97 6.78
N SER B 251 23.17 19.24 7.88
CA SER B 251 21.96 19.12 8.66
C SER B 251 22.36 18.47 9.98
N GLN B 252 21.47 18.51 10.97
CA GLN B 252 21.74 17.90 12.27
C GLN B 252 20.70 16.81 12.51
N HIS B 253 21.03 15.60 12.05
CA HIS B 253 20.17 14.43 12.14
C HIS B 253 21.05 13.19 12.24
N TRP B 254 20.49 12.03 11.95
CA TRP B 254 21.20 10.76 12.05
C TRP B 254 20.62 9.78 11.03
N CYS B 255 21.37 8.69 10.82
CA CYS B 255 20.97 7.64 9.88
C CYS B 255 20.97 6.29 10.57
N LYS B 256 19.94 5.48 10.28
CA LYS B 256 19.87 4.12 10.78
C LYS B 256 18.76 3.36 10.06
N ARG B 257 19.06 2.15 9.58
CA ARG B 257 18.03 1.29 9.01
C ARG B 257 18.06 -0.08 9.68
N THR B 258 19.24 -0.53 10.08
CA THR B 258 19.36 -1.86 10.67
C THR B 258 20.24 -1.82 11.93
N LEU B 259 20.57 -2.98 12.47
CA LEU B 259 21.44 -3.04 13.64
C LEU B 259 22.87 -2.72 13.24
N MET B 260 23.50 -1.81 13.98
CA MET B 260 24.92 -1.47 13.91
C MET B 260 25.32 -0.72 12.64
N ASP B 261 24.37 -0.33 11.79
CA ASP B 261 24.72 0.54 10.67
C ASP B 261 24.50 2.02 11.02
N ASP B 262 24.36 2.34 12.31
CA ASP B 262 24.05 3.70 12.73
C ASP B 262 25.08 4.68 12.17
N ASN B 263 24.58 5.74 11.55
CA ASN B 263 25.41 6.80 10.97
C ASN B 263 26.53 6.28 10.09
N LYS B 264 26.34 5.08 9.52
CA LYS B 264 27.26 4.66 8.48
C LYS B 264 26.94 5.39 7.18
N VAL B 265 25.72 5.91 7.07
CA VAL B 265 25.29 6.70 5.93
C VAL B 265 25.11 8.13 6.42
N LEU B 266 25.31 9.09 5.51
CA LEU B 266 25.20 10.48 5.90
C LEU B 266 23.75 10.94 5.81
N TRP B 267 23.42 11.98 6.56
CA TRP B 267 22.18 12.71 6.49
C TRP B 267 22.47 14.09 5.90
N GLY B 268 21.46 14.93 5.79
CA GLY B 268 21.72 16.28 5.32
C GLY B 268 20.46 16.93 4.73
N SER B 269 20.72 17.95 3.92
CA SER B 269 19.67 18.72 3.26
C SER B 269 20.12 19.00 1.83
N TRP B 270 19.21 19.51 1.00
CA TRP B 270 19.51 19.75 -0.42
C TRP B 270 19.24 21.20 -0.80
N SER B 271 20.11 21.75 -1.63
CA SER B 271 19.95 23.11 -2.17
C SER B 271 20.03 23.04 -3.68
N VAL B 272 18.94 23.39 -4.35
CA VAL B 272 18.84 23.34 -5.80
C VAL B 272 18.98 24.78 -6.31
N LEU B 273 20.06 25.03 -7.04
CA LEU B 273 20.36 26.35 -7.59
C LEU B 273 20.19 26.32 -9.10
N GLY B 274 19.04 26.78 -9.56
CA GLY B 274 18.86 27.00 -10.98
C GLY B 274 19.10 28.47 -11.28
N PRO B 275 19.24 28.80 -12.57
CA PRO B 275 19.42 30.22 -12.94
C PRO B 275 18.25 31.09 -12.56
N TRP B 276 17.05 30.54 -12.60
CA TRP B 276 15.78 31.23 -12.50
C TRP B 276 15.20 31.26 -11.09
N ASN B 277 15.15 30.11 -10.42
CA ASN B 277 14.68 30.00 -9.04
C ASN B 277 15.70 29.24 -8.19
N ARG B 278 15.63 29.43 -6.88
CA ARG B 278 16.47 28.71 -5.93
C ARG B 278 15.57 28.03 -4.90
N PHE B 279 15.86 26.76 -4.59
CA PHE B 279 14.99 25.96 -3.73
C PHE B 279 15.82 25.29 -2.63
N PHE B 280 15.27 25.24 -1.42
CA PHE B 280 15.92 24.59 -0.29
C PHE B 280 15.02 23.52 0.32
N PHE B 281 15.60 22.36 0.62
CA PHE B 281 14.86 21.24 1.22
C PHE B 281 15.66 20.76 2.43
N ALA B 282 15.13 21.01 3.63
CA ALA B 282 15.88 20.74 4.86
C ALA B 282 15.97 19.26 5.16
N GLY B 283 14.88 18.54 5.00
CA GLY B 283 14.86 17.12 5.32
C GLY B 283 14.43 16.89 6.76
N ASP B 284 15.31 16.32 7.56
CA ASP B 284 15.09 16.13 8.98
C ASP B 284 16.24 16.76 9.73
N THR B 285 15.92 17.56 10.74
CA THR B 285 17.00 18.21 11.46
C THR B 285 16.47 18.81 12.75
N GLY B 286 17.33 18.84 13.75
CA GLY B 286 17.18 19.78 14.83
C GLY B 286 17.95 21.04 14.49
N TYR B 287 17.74 22.09 15.26
CA TYR B 287 18.38 23.35 14.93
C TYR B 287 19.89 23.22 15.11
N CYS B 288 20.62 23.78 14.16
CA CYS B 288 22.07 23.77 14.14
C CYS B 288 22.53 25.02 13.38
N PRO B 289 23.80 25.40 13.51
CA PRO B 289 24.30 26.58 12.79
C PRO B 289 24.68 26.38 11.34
N ALA B 290 24.37 25.23 10.74
CA ALA B 290 24.67 25.06 9.33
C ALA B 290 23.72 25.83 8.43
N PHE B 291 22.49 26.05 8.91
CA PHE B 291 21.47 26.75 8.12
C PHE B 291 21.83 28.20 7.84
N GLU B 292 22.44 28.90 8.80
CA GLU B 292 22.99 30.22 8.51
C GLU B 292 24.08 30.14 7.44
N GLU B 293 24.96 29.15 7.55
CA GLU B 293 25.97 28.93 6.53
C GLU B 293 25.32 28.76 5.16
N ILE B 294 24.37 27.85 5.06
CA ILE B 294 23.71 27.58 3.75
C ILE B 294 23.12 28.90 3.23
N GLY B 295 22.34 29.57 4.06
CA GLY B 295 21.68 30.82 3.61
C GLY B 295 22.68 31.81 3.06
N LYS B 296 23.87 31.88 3.63
CA LYS B 296 24.88 32.89 3.21
C LYS B 296 25.57 32.44 1.93
N ARG B 297 25.66 31.13 1.69
CA ARG B 297 26.42 30.65 0.51
C ARG B 297 25.51 30.58 -0.72
N PHE B 298 24.24 30.22 -0.53
CA PHE B 298 23.36 30.01 -1.71
C PHE B 298 22.35 31.16 -1.84
N GLY B 299 22.69 32.33 -1.30
CA GLY B 299 21.85 33.53 -1.49
C GLY B 299 20.39 33.31 -1.13
N PRO B 300 19.49 34.21 -1.55
CA PRO B 300 18.08 34.11 -1.19
C PRO B 300 17.38 32.95 -1.92
N PHE B 301 16.49 32.26 -1.22
CA PHE B 301 15.77 31.12 -1.82
C PHE B 301 14.32 31.51 -2.08
N ASP B 302 13.68 30.86 -3.04
CA ASP B 302 12.26 31.15 -3.35
C ASP B 302 11.39 30.25 -2.48
N LEU B 303 11.72 28.97 -2.39
CA LEU B 303 10.99 28.08 -1.49
C LEU B 303 11.96 27.29 -0.65
N ALA B 304 11.53 27.00 0.57
CA ALA B 304 12.26 26.10 1.46
C ALA B 304 11.24 25.18 2.09
N ALA B 305 11.54 23.88 2.12
CA ALA B 305 10.67 22.89 2.75
C ALA B 305 11.26 22.56 4.12
N ILE B 306 10.56 22.92 5.19
CA ILE B 306 11.09 22.83 6.55
C ILE B 306 10.21 21.85 7.33
N PRO B 307 10.79 20.90 8.07
CA PRO B 307 9.96 20.05 8.93
C PRO B 307 9.42 20.82 10.13
N ILE B 308 8.17 20.52 10.50
CA ILE B 308 7.54 21.19 11.63
C ILE B 308 6.86 20.17 12.56
N GLY B 309 7.11 18.87 12.34
CA GLY B 309 6.54 17.81 13.13
C GLY B 309 7.59 16.90 13.76
N ALA B 310 7.11 16.03 14.67
CA ALA B 310 7.91 15.05 15.40
C ALA B 310 8.92 15.72 16.34
N TYR B 311 8.42 16.71 17.09
CA TYR B 311 9.33 17.51 17.95
C TYR B 311 8.96 17.35 19.42
N GLU B 312 8.20 16.30 19.75
CA GLU B 312 7.74 16.13 21.16
C GLU B 312 8.94 15.70 22.00
N PRO B 313 8.83 14.99 23.15
CA PRO B 313 9.96 14.73 24.04
C PRO B 313 11.15 15.60 23.61
N ARG B 314 10.96 16.92 23.60
CA ARG B 314 12.03 17.84 23.11
C ARG B 314 13.33 17.48 23.82
N TRP B 315 13.25 17.23 25.13
CA TRP B 315 14.48 16.85 25.88
C TRP B 315 15.20 15.74 25.14
N PHE B 316 14.49 14.97 24.31
CA PHE B 316 15.11 13.82 23.62
C PHE B 316 15.28 14.11 22.14
N MET B 317 14.44 14.98 21.58
CA MET B 317 14.47 15.16 20.11
C MET B 317 15.15 16.48 19.71
N LYS B 318 15.15 17.48 20.58
CA LYS B 318 15.69 18.77 20.17
C LYS B 318 17.00 18.63 19.40
N TYR B 319 17.76 17.58 19.67
CA TYR B 319 19.04 17.41 18.99
C TYR B 319 18.89 16.85 17.58
N GLN B 320 17.69 16.38 17.22
CA GLN B 320 17.45 15.74 15.93
C GLN B 320 16.19 16.24 15.25
N HIS B 321 15.35 17.04 15.92
CA HIS B 321 14.08 17.47 15.37
C HIS B 321 13.76 18.88 15.86
N VAL B 322 13.70 19.84 14.94
CA VAL B 322 13.20 21.16 15.32
C VAL B 322 11.72 21.07 15.70
N ASP B 323 11.26 22.08 16.39
CA ASP B 323 9.86 22.32 16.62
C ASP B 323 9.46 23.53 15.78
N PRO B 324 8.17 23.83 15.68
CA PRO B 324 7.77 24.94 14.80
C PRO B 324 8.51 26.23 15.08
N GLU B 325 8.82 26.53 16.35
CA GLU B 325 9.58 27.73 16.67
C GLU B 325 10.95 27.72 16.01
N GLU B 326 11.71 26.64 16.21
CA GLU B 326 12.99 26.49 15.52
C GLU B 326 12.78 26.38 14.02
N ALA B 327 11.61 25.91 13.57
CA ALA B 327 11.36 25.88 12.13
C ALA B 327 11.30 27.27 11.53
N VAL B 328 10.62 28.19 12.24
CA VAL B 328 10.55 29.60 11.77
C VAL B 328 11.96 30.16 11.75
N ARG B 329 12.74 29.91 12.80
CA ARG B 329 14.14 30.40 12.87
C ARG B 329 14.87 29.93 11.63
N ILE B 330 14.68 28.65 11.29
CA ILE B 330 15.32 28.10 10.06
C ILE B 330 14.90 28.97 8.87
N HIS B 331 13.59 29.10 8.64
CA HIS B 331 13.11 29.97 7.57
C HIS B 331 13.85 31.30 7.55
N THR B 332 14.07 31.89 8.74
CA THR B 332 14.83 33.14 8.84
C THR B 332 16.32 32.94 8.53
N ASP B 333 16.90 31.84 9.00
CA ASP B 333 18.33 31.61 8.80
C ASP B 333 18.68 31.42 7.33
N VAL B 334 17.86 30.65 6.60
CA VAL B 334 18.19 30.31 5.21
C VAL B 334 17.83 31.40 4.22
N GLN B 335 17.15 32.47 4.67
CA GLN B 335 16.83 33.61 3.82
C GLN B 335 15.91 33.23 2.68
N THR B 336 14.96 32.35 2.93
CA THR B 336 14.00 32.04 1.88
C THR B 336 12.86 33.04 1.91
N LYS B 337 12.27 33.28 0.73
CA LYS B 337 11.11 34.16 0.68
C LYS B 337 9.86 33.47 1.21
N LYS B 338 9.76 32.16 1.02
CA LYS B 338 8.62 31.38 1.48
C LYS B 338 9.10 30.04 1.98
N SER B 339 8.26 29.40 2.79
CA SER B 339 8.59 28.10 3.36
C SER B 339 7.32 27.27 3.45
N MET B 340 7.49 25.96 3.28
CA MET B 340 6.41 25.00 3.28
C MET B 340 6.63 24.00 4.41
N ALA B 341 5.58 23.79 5.20
CA ALA B 341 5.59 22.82 6.30
C ALA B 341 5.56 21.39 5.76
N ILE B 342 6.67 20.69 5.93
CA ILE B 342 6.77 19.26 5.63
C ILE B 342 6.93 18.53 6.97
N HIS B 343 7.07 17.20 6.92
CA HIS B 343 6.90 16.33 8.09
C HIS B 343 5.49 16.59 8.61
N TRP B 344 5.11 16.06 9.77
CA TRP B 344 3.77 16.30 10.34
C TRP B 344 2.62 15.78 9.49
N GLY B 345 1.47 15.53 10.13
CA GLY B 345 0.23 15.27 9.43
C GLY B 345 0.06 13.92 8.78
N THR B 346 1.16 13.23 8.52
CA THR B 346 1.12 11.98 7.78
C THR B 346 1.44 10.77 8.63
N PHE B 347 2.56 10.80 9.35
CA PHE B 347 2.94 9.72 10.25
C PHE B 347 2.99 10.27 11.67
N ALA B 348 2.83 9.37 12.64
CA ALA B 348 2.95 9.74 14.06
C ALA B 348 4.32 9.25 14.50
N LEU B 349 5.31 10.13 14.47
CA LEU B 349 6.68 9.76 14.83
C LEU B 349 7.09 10.28 16.20
N ALA B 350 6.19 10.91 16.95
CA ALA B 350 6.50 11.50 18.25
C ALA B 350 5.20 11.61 19.06
N ASN B 351 5.22 12.47 20.09
CA ASN B 351 4.14 12.53 21.08
C ASN B 351 3.18 13.71 20.89
N GLU B 352 3.47 14.66 20.01
CA GLU B 352 2.62 15.84 19.91
C GLU B 352 1.27 15.51 19.26
N HIS B 353 0.26 16.32 19.58
CA HIS B 353 -1.05 16.18 18.96
C HIS B 353 -0.93 16.41 17.47
N TYR B 354 -1.62 15.58 16.67
CA TYR B 354 -1.37 15.60 15.23
C TYR B 354 -1.71 16.94 14.59
N LEU B 355 -2.62 17.71 15.18
CA LEU B 355 -2.90 19.05 14.67
C LEU B 355 -2.10 20.13 15.39
N GLU B 356 -1.38 19.79 16.45
CA GLU B 356 -0.62 20.81 17.17
C GLU B 356 0.40 21.52 16.30
N PRO B 357 1.21 20.85 15.47
CA PRO B 357 2.36 21.52 14.82
C PRO B 357 1.96 22.71 13.97
N PRO B 358 0.86 22.68 13.22
CA PRO B 358 0.44 23.94 12.57
C PRO B 358 0.10 25.06 13.56
N VAL B 359 -0.56 24.77 14.68
CA VAL B 359 -0.88 25.82 15.65
C VAL B 359 0.41 26.42 16.22
N LYS B 360 1.36 25.56 16.58
CA LYS B 360 2.62 26.07 17.07
C LYS B 360 3.38 26.81 15.98
N LEU B 361 3.24 26.40 14.72
CA LEU B 361 3.88 27.14 13.63
C LEU B 361 3.30 28.55 13.51
N ASN B 362 1.97 28.68 13.59
CA ASN B 362 1.37 30.00 13.53
C ASN B 362 1.77 30.84 14.73
N GLU B 363 1.85 30.23 15.90
CA GLU B 363 2.31 30.94 17.09
C GLU B 363 3.75 31.43 16.93
N ALA B 364 4.64 30.60 16.40
CA ALA B 364 6.00 31.05 16.17
C ALA B 364 6.07 32.12 15.07
N LEU B 365 5.20 32.02 14.07
CA LEU B 365 5.19 32.98 12.97
C LEU B 365 4.78 34.33 13.50
N GLU B 366 3.86 34.28 14.47
CA GLU B 366 3.50 35.54 15.15
C GLU B 366 4.68 35.96 16.04
N ARG B 367 5.51 34.99 16.50
CA ARG B 367 6.70 35.42 17.29
C ARG B 367 7.71 36.22 16.48
N TYR B 368 7.90 35.92 15.19
CA TYR B 368 8.97 36.60 14.52
C TYR B 368 8.42 37.76 13.71
N GLY B 369 7.18 38.18 13.96
CA GLY B 369 6.59 39.27 13.19
C GLY B 369 6.35 38.88 11.75
N LEU B 370 5.84 37.69 11.52
CA LEU B 370 5.58 37.19 10.18
C LEU B 370 4.12 36.77 10.06
N ASN B 371 3.69 36.47 8.84
CA ASN B 371 2.32 36.05 8.58
CA ASN B 371 2.32 36.05 8.58
C ASN B 371 2.31 34.69 7.87
N ALA B 372 1.11 34.12 7.78
CA ALA B 372 0.95 32.83 7.12
C ALA B 372 1.45 32.85 5.69
N GLU B 373 1.40 34.02 5.04
CA GLU B 373 1.92 34.14 3.69
C GLU B 373 3.38 33.71 3.63
N ASP B 374 4.20 34.11 4.61
CA ASP B 374 5.62 33.81 4.57
C ASP B 374 5.90 32.32 4.74
N PHE B 375 5.15 31.65 5.63
CA PHE B 375 5.37 30.25 5.96
C PHE B 375 4.02 29.55 6.03
N PHE B 376 3.70 28.75 5.02
CA PHE B 376 2.37 28.21 4.85
C PHE B 376 2.38 26.69 5.00
N VAL B 377 1.22 26.15 5.37
CA VAL B 377 0.99 24.72 5.44
C VAL B 377 -0.01 24.36 4.35
N LEU B 378 0.32 23.35 3.55
CA LEU B 378 -0.59 22.91 2.49
C LEU B 378 -1.46 21.75 2.97
N LYS B 379 -2.49 21.46 2.17
CA LYS B 379 -3.24 20.23 2.38
C LYS B 379 -2.53 19.08 1.69
N HIS B 380 -2.92 17.87 2.04
CA HIS B 380 -2.36 16.70 1.38
C HIS B 380 -2.78 16.69 -0.08
N GLY B 381 -1.80 16.82 -0.97
CA GLY B 381 -2.04 16.82 -2.39
C GLY B 381 -2.21 18.19 -3.01
N GLU B 382 -2.34 19.23 -2.19
CA GLU B 382 -2.49 20.59 -2.69
C GLU B 382 -1.19 21.07 -3.32
N SER B 383 -1.31 21.97 -4.28
CA SER B 383 -0.16 22.55 -4.96
C SER B 383 -0.13 24.06 -4.71
N ARG B 384 1.00 24.66 -5.10
CA ARG B 384 1.16 26.10 -4.98
C ARG B 384 2.18 26.59 -6.02
N TYR B 385 1.81 27.65 -6.73
CA TYR B 385 2.67 28.27 -7.73
C TYR B 385 3.22 29.59 -7.19
N LEU B 386 4.50 29.84 -7.47
CA LEU B 386 5.21 31.02 -6.96
C LEU B 386 6.05 31.61 -8.09
N ASN B 387 5.65 32.76 -8.63
CA ASN B 387 6.48 33.40 -9.65
C ASN B 387 7.44 34.37 -8.97
N ASN B 388 8.60 34.56 -9.58
CA ASN B 388 9.63 35.42 -9.01
C ASN B 388 9.66 36.79 -9.67
N ASP B 389 10.51 37.66 -9.13
CA ASP B 389 10.71 39.01 -9.65
C ASP B 389 11.23 38.96 -11.08
ZN ZN C . -4.05 -20.44 -2.72
ZN ZN D . -4.64 -18.23 -4.42
P 3PE E . -2.01 -20.18 -4.79
N 3PE E . 2.29 -21.32 -6.44
O11 3PE E . -0.73 -19.57 -3.98
O12 3PE E . -2.54 -21.21 -3.85
O13 3PE E . -1.17 -20.87 -6.04
O14 3PE E . -2.80 -19.08 -5.38
C11 3PE E . 0.01 -20.31 -6.56
C12 3PE E . 0.91 -21.45 -6.97
C1 3PE E . -0.41 -20.21 -2.77
C2 3PE E . 1.09 -20.12 -2.54
C3 3PE E . 1.64 -18.92 -3.25
O31 3PE E . 0.81 -17.81 -2.87
O32 3PE E . 0.84 -17.31 -0.71
C31 3PE E . 1.16 -17.05 -1.84
C32 3PE E . 1.98 -15.86 -2.28
C33 3PE E . 3.48 -16.14 -2.32
C34 3PE E . 4.11 -16.15 -0.94
C35 3PE E . 5.47 -15.46 -0.94
C36 3PE E . 6.52 -16.22 -0.14
C37 3PE E . 7.87 -15.48 -0.11
C38 3PE E . 8.92 -16.15 0.78
C39 3PE E . 9.79 -15.10 1.46
C3A 3PE E . 11.05 -15.56 2.22
C3B 3PE E . 11.45 -17.02 2.28
C3C 3PE E . 12.77 -17.16 3.06
C3D 3PE E . 12.80 -18.38 3.96
C3E 3PE E . 13.98 -18.40 4.91
C3F 3PE E . 15.34 -18.17 4.25
O21 3PE E . 1.41 -19.94 -1.17
O22 3PE E . 3.36 -21.02 -1.28
C21 3PE E . 2.51 -20.42 -0.66
C22 3PE E . 2.57 -20.06 0.78
C23 3PE E . 3.80 -19.22 1.11
C24 3PE E . 4.85 -20.01 1.84
C25 3PE E . 6.13 -19.22 2.09
C26 3PE E . 6.66 -19.41 3.50
C27 3PE E . 7.65 -18.36 4.01
C28 3PE E . 7.84 -18.57 5.51
C29 3PE E . 8.57 -17.47 6.24
C2A 3PE E . 10.04 -17.88 6.18
C2B 3PE E . 11.00 -17.05 7.00
C2C 3PE E . 11.63 -17.86 8.13
C2D 3PE E . 12.84 -17.21 8.78
C2E 3PE E . 12.60 -16.81 10.23
C1 DXC F . 0.85 -16.33 14.76
C2 DXC F . -0.18 -15.23 14.83
C3 DXC F . -0.21 -14.42 13.53
C4 DXC F . 1.18 -13.80 13.24
C5 DXC F . 2.23 -14.92 13.24
C6 DXC F . 2.23 -15.76 14.50
C7 DXC F . -1.30 -13.35 13.53
C8 DXC F . -1.01 -12.26 14.56
C9 DXC F . 0.39 -11.69 14.35
C10 DXC F . 1.45 -12.78 14.35
C11 DXC F . 0.75 -10.73 15.47
C12 DXC F . 2.13 -10.08 15.34
C13 DXC F . 3.21 -11.16 15.31
C14 DXC F . 2.88 -12.22 14.26
C15 DXC F . -0.20 -9.55 15.71
C16 DXC F . 0.68 -8.55 16.49
C17 DXC F . 2.08 -9.21 16.62
C18 DXC F . 1.20 -13.11 11.88
C19 DXC F . 3.19 -8.19 16.85
O1 DXC F . 3.34 -11.64 16.64
O2 DXC F . 0.78 -17.10 15.95
C20 DXC F . 2.26 -9.16 14.13
C21 DXC F . 2.62 -7.15 17.83
C22 DXC F . 3.64 -6.38 18.64
C23 DXC F . 3.11 -5.09 19.31
O3 DXC F . 3.78 -4.06 19.22
O4 DXC F . 2.01 -5.20 19.90
C24 DXC F . 4.48 -8.81 17.41
C1 DXC G . 17.23 -15.59 -3.04
C2 DXC G . 18.30 -16.07 -2.07
C3 DXC G . 17.75 -16.40 -0.68
C4 DXC G . 16.97 -15.24 -0.05
C5 DXC G . 15.87 -14.85 -1.05
C6 DXC G . 16.38 -14.49 -2.44
C7 DXC G . 18.86 -16.91 0.26
C8 DXC G . 19.83 -15.78 0.58
C9 DXC G . 19.13 -14.54 1.12
C10 DXC G . 17.96 -14.09 0.22
C11 DXC G . 20.10 -13.37 1.25
C12 DXC G . 19.49 -12.09 1.85
C13 DXC G . 18.31 -11.64 0.97
C14 DXC G . 17.33 -12.80 0.75
C15 DXC G . 21.33 -13.55 2.13
C16 DXC G . 21.91 -12.13 2.21
C17 DXC G . 20.74 -11.16 1.87
C18 DXC G . 16.26 -15.71 1.23
C19 DXC G . 20.77 -9.93 2.80
O1 DXC G . 18.85 -11.12 -0.23
O2 DXC G . 17.90 -15.15 -4.19
C20 DXC G . 19.00 -12.33 3.28
C21 DXC G . 22.23 -9.47 2.88
C22 DXC G . 22.69 -8.41 1.92
C23 DXC G . 24.07 -7.83 2.28
O3 DXC G . 24.27 -7.51 3.47
O4 DXC G . 24.89 -7.76 1.33
C24 DXC G . 19.86 -8.77 2.39
C1 DXC H . 8.96 -21.13 10.53
C2 DXC H . 8.05 -21.09 11.74
C3 DXC H . 7.44 -19.72 11.98
C4 DXC H . 8.50 -18.60 12.05
C5 DXC H . 9.27 -18.65 10.73
C6 DXC H . 9.96 -19.99 10.53
C7 DXC H . 6.60 -19.74 13.25
C8 DXC H . 7.48 -20.02 14.46
C9 DXC H . 8.61 -19.01 14.60
C10 DXC H . 9.41 -18.83 13.30
C11 DXC H . 9.59 -19.48 15.65
C12 DXC H . 10.74 -18.52 16.00
C13 DXC H . 11.49 -18.25 14.68
C14 DXC H . 10.54 -17.83 13.55
C15 DXC H . 9.02 -19.88 17.00
C16 DXC H . 10.33 -20.21 17.72
C17 DXC H . 11.47 -19.32 17.12
C18 DXC H . 7.77 -17.25 12.10
C19 DXC H . 12.26 -18.60 18.23
O1 DXC H . 12.20 -19.42 14.32
O2 DXC H . 9.60 -22.38 10.53
C20 DXC H . 10.24 -17.18 16.58
C21 DXC H . 12.38 -19.47 19.49
C22 DXC H . 11.53 -19.06 20.70
C23 DXC H . 10.41 -20.06 21.08
O3 DXC H . 9.23 -19.73 20.87
O4 DXC H . 10.80 -21.14 21.58
C24 DXC H . 13.65 -18.16 17.76
C1 DXC I . 12.79 -8.35 10.86
C2 DXC I . 11.72 -8.27 11.93
C3 DXC I . 11.61 -9.47 12.88
C4 DXC I . 11.71 -10.86 12.21
C5 DXC I . 12.94 -10.83 11.29
C6 DXC I . 12.90 -9.73 10.23
C7 DXC I . 10.35 -9.36 13.75
C8 DXC I . 9.07 -9.74 13.00
C9 DXC I . 9.15 -11.12 12.35
C10 DXC I . 10.39 -11.23 11.45
C11 DXC I . 7.90 -11.46 11.53
C12 DXC I . 7.91 -12.88 10.96
C13 DXC I . 9.13 -12.96 10.03
C14 DXC I . 10.42 -12.61 10.80
C15 DXC I . 6.55 -11.38 12.25
C16 DXC I . 5.62 -12.25 11.39
C17 DXC I . 6.49 -12.99 10.33
C18 DXC I . 12.01 -11.90 13.29
C19 DXC I . 5.86 -14.33 9.93
O1 DXC I . 8.96 -12.09 8.93
O2 DXC I . 12.50 -7.37 9.87
C20 DXC I . 8.04 -13.85 12.13
C21 DXC I . 4.42 -14.06 9.48
C22 DXC I . 3.48 -15.25 9.56
C23 DXC I . 2.00 -14.97 9.24
O3 DXC I . 1.70 -13.90 8.67
O4 DXC I . 1.21 -15.86 9.62
C24 DXC I . 6.61 -15.14 8.87
C1 DXC J . 20.96 -3.94 1.37
C2 DXC J . 20.28 -3.48 0.09
C3 DXC J . 18.77 -3.31 0.21
C4 DXC J . 18.02 -4.54 0.81
C5 DXC J . 18.77 -4.93 2.11
C6 DXC J . 20.27 -5.16 1.96
C7 DXC J . 18.22 -2.93 -1.17
C8 DXC J . 18.13 -4.09 -2.16
C9 DXC J . 17.32 -5.25 -1.58
C10 DXC J . 17.94 -5.70 -0.23
C11 DXC J . 17.26 -6.42 -2.56
C12 DXC J . 16.50 -7.65 -2.03
C13 DXC J . 17.17 -8.10 -0.71
C14 DXC J . 17.20 -6.94 0.29
C15 DXC J . 16.65 -6.20 -3.94
C16 DXC J . 16.21 -7.60 -4.43
C17 DXC J . 16.56 -8.58 -3.27
C18 DXC J . 16.64 -4.10 1.28
C19 DXC J . 15.77 -9.90 -3.27
O1 DXC J . 18.48 -8.59 -0.94
O2 DXC J . 22.31 -4.19 1.05
C20 DXC J . 15.03 -7.27 -1.74
C21 DXC J . 15.27 -10.30 -4.67
C22 DXC J . 15.42 -11.79 -4.99
C23 DXC J . 14.56 -12.33 -6.14
O3 DXC J . 15.16 -12.59 -7.20
O4 DXC J . 13.33 -12.44 -5.89
C24 DXC J . 16.59 -11.04 -2.67
C1 DXC K . 11.02 -24.67 -0.91
C2 DXC K . 11.63 -24.15 0.38
C3 DXC K . 11.38 -22.65 0.63
C4 DXC K . 11.77 -21.77 -0.58
C5 DXC K . 11.10 -22.34 -1.83
C6 DXC K . 11.41 -23.81 -2.11
C7 DXC K . 12.07 -22.13 1.90
C8 DXC K . 13.59 -22.09 1.78
C9 DXC K . 14.08 -21.34 0.54
C10 DXC K . 13.31 -21.79 -0.71
C11 DXC K . 15.56 -21.62 0.29
C12 DXC K . 16.14 -20.98 -0.99
C13 DXC K . 15.31 -21.42 -2.20
C14 DXC K . 13.83 -21.07 -1.95
C15 DXC K . 16.56 -21.27 1.38
C16 DXC K . 17.91 -21.17 0.63
C17 DXC K . 17.62 -21.43 -0.88
C18 DXC K . 11.19 -20.35 -0.37
C19 DXC K . 18.71 -20.85 -1.81
O1 DXC K . 15.47 -22.80 -2.44
O2 DXC K . 11.40 -26.03 -1.10
C20 DXC K . 16.07 -19.45 -0.93
C21 DXC K . 20.11 -21.06 -1.21
C22 DXC K . 21.23 -21.05 -2.24
C23 DXC K . 22.20 -22.26 -2.20
O3 DXC K . 23.23 -22.14 -1.51
O4 DXC K . 21.86 -23.26 -2.85
C24 DXC K . 18.68 -21.46 -3.21
C1 DXC L . 11.16 -13.59 6.23
C2 DXC L . 11.78 -13.21 4.89
C3 DXC L . 13.27 -13.57 4.80
C4 DXC L . 14.09 -12.98 5.98
C5 DXC L . 13.43 -13.46 7.28
C6 DXC L . 11.97 -13.05 7.40
C7 DXC L . 13.89 -13.13 3.46
C8 DXC L . 13.99 -11.62 3.32
C9 DXC L . 14.71 -10.98 4.51
C10 DXC L . 14.09 -11.44 5.84
C11 DXC L . 14.68 -9.45 4.43
C12 DXC L . 15.42 -8.72 5.58
C13 DXC L . 14.78 -9.20 6.90
C14 DXC L . 14.78 -10.74 7.00
C15 DXC L . 15.26 -8.78 3.19
C16 DXC L . 15.48 -7.32 3.62
C17 DXC L . 15.22 -7.25 5.15
C18 DXC L . 15.51 -13.56 5.97
C19 DXC L . 16.04 -6.12 5.80
O1 DXC L . 13.48 -8.67 6.98
O2 DXC L . 9.84 -13.09 6.28
C20 DXC L . 16.92 -9.00 5.61
C21 DXC L . 15.65 -4.77 5.18
C22 DXC L . 16.66 -3.64 5.32
C23 DXC L . 16.33 -2.31 4.61
O3 DXC L . 15.15 -2.10 4.23
O4 DXC L . 17.28 -1.52 4.44
C24 DXC L . 15.91 -6.02 7.31
C1 DXC M . 22.31 -5.65 9.76
C2 DXC M . 22.36 -6.06 8.30
C3 DXC M . 21.00 -6.53 7.78
C4 DXC M . 20.43 -7.71 8.61
C5 DXC M . 20.44 -7.28 10.09
C6 DXC M . 21.77 -6.78 10.61
C7 DXC M . 21.11 -6.87 6.30
C8 DXC M . 22.02 -8.07 6.07
C9 DXC M . 21.60 -9.28 6.90
C10 DXC M . 21.28 -8.98 8.37
C11 DXC M . 22.67 -10.33 6.97
C12 DXC M . 22.05 -11.70 7.33
C13 DXC M . 21.50 -11.58 8.77
C14 DXC M . 20.73 -10.26 9.03
C15 DXC M . 23.55 -10.56 5.75
C16 DXC M . 23.92 -12.05 5.80
C17 DXC M . 23.27 -12.63 7.08
C18 DXC M . 18.94 -7.92 8.27
C19 DXC M . 23.09 -14.16 7.02
O1 DXC M . 22.56 -11.77 9.70
O2 DXC M . 23.60 -5.24 10.14
C20 DXC M . 20.90 -12.08 6.40
C21 DXC M . 24.27 -14.74 6.23
C22 DXC M . 25.59 -14.72 6.99
C23 DXC M . 26.80 -14.29 6.14
O3 DXC M . 26.59 -13.84 5.00
O4 DXC M . 27.92 -14.40 6.69
C24 DXC M . 23.04 -14.79 8.41
ZN ZN N . 14.55 10.93 10.28
ZN ZN O . 11.59 11.80 9.63
P 3PE P . 12.57 10.62 12.29
N 3PE P . 12.58 8.71 16.49
O11 3PE P . 12.43 8.98 12.31
O12 3PE P . 14.04 10.84 12.17
O13 3PE P . 12.09 10.92 13.83
O14 3PE P . 11.50 11.24 11.46
C11 3PE P . 11.51 9.87 14.56
C12 3PE P . 12.01 10.00 15.98
C1 3PE P . 13.63 8.27 12.34
C2 3PE P . 13.44 6.97 13.10
C3 3PE P . 11.99 6.51 13.13
O31 3PE P . 11.58 6.44 11.78
O32 3PE P . 12.65 4.98 10.47
C31 3PE P . 11.66 5.30 11.08
C32 3PE P . 10.36 4.53 11.14
C33 3PE P . 10.26 3.53 12.29
C34 3PE P . 11.15 2.36 11.92
C35 3PE P . 10.59 0.97 12.19
C36 3PE P . 10.23 0.70 13.64
C37 3PE P . 9.80 -0.74 13.80
C38 3PE P . 10.93 -1.71 13.48
C39 3PE P . 10.30 -2.95 12.87
C3A 3PE P . 10.81 -4.28 13.43
C3B 3PE P . 11.83 -4.23 14.57
C3C 3PE P . 11.95 -5.60 15.23
C3D 3PE P . 13.35 -6.09 15.52
C3E 3PE P . 13.36 -7.50 16.09
C3F 3PE P . 14.75 -8.12 16.26
O21 3PE P . 14.16 5.92 12.46
O22 3PE P . 14.49 4.81 14.36
C21 3PE P . 14.66 4.93 13.17
C22 3PE P . 15.53 4.02 12.35
C23 3PE P . 14.96 2.62 12.29
C24 3PE P . 15.17 1.94 13.63
C25 3PE P . 14.64 0.51 13.65
C26 3PE P . 15.74 -0.30 12.99
C27 3PE P . 15.37 -1.63 12.35
C28 3PE P . 15.02 -2.69 13.38
C29 3PE P . 15.26 -4.06 12.78
C2A 3PE P . 16.63 -4.03 12.07
C2B 3PE P . 17.01 -5.28 11.33
C2C 3PE P . 16.43 -6.51 12.03
C2D 3PE P . 16.55 -7.79 11.22
C2E 3PE P . 17.46 -8.79 11.92
C1 DXC Q . 7.66 -7.79 21.11
C2 DXC Q . 8.58 -8.95 21.46
C3 DXC Q . 9.75 -9.14 20.49
C4 DXC Q . 9.33 -9.16 19.00
C5 DXC Q . 8.46 -7.92 18.73
C6 DXC Q . 7.25 -7.80 19.65
C7 DXC Q . 10.54 -10.38 20.88
C8 DXC Q . 9.78 -11.67 20.56
C9 DXC Q . 9.32 -11.73 19.10
C10 DXC Q . 8.56 -10.47 18.68
C11 DXC Q . 8.38 -12.91 18.88
C12 DXC Q . 7.94 -13.13 17.43
C13 DXC Q . 7.26 -11.84 16.95
C14 DXC Q . 8.16 -10.62 17.21
C15 DXC Q . 8.89 -14.27 19.28
C16 DXC Q . 7.79 -15.19 18.74
C17 DXC Q . 7.04 -14.38 17.64
C18 DXC Q . 10.57 -8.94 18.12
C19 DXC Q . 6.63 -15.33 16.49
O1 DXC Q . 6.04 -11.70 17.64
O2 DXC Q . 6.52 -7.88 21.96
C20 DXC Q . 9.12 -13.46 16.51
C21 DXC Q . 5.91 -16.49 17.21
C22 DXC Q . 5.00 -17.38 16.39
C23 DXC Q . 4.57 -18.69 17.10
O3 DXC Q . 5.45 -19.38 17.68
O4 DXC Q . 3.35 -18.97 17.03
C24 DXC Q . 5.78 -14.69 15.41
C1 DXC R . 17.64 -1.04 18.68
C2 DXC R . 17.61 -2.45 18.11
C3 DXC R . 16.30 -2.77 17.37
C4 DXC R . 15.02 -2.45 18.18
C5 DXC R . 15.15 -1.02 18.72
C6 DXC R . 16.41 -0.79 19.54
C7 DXC R . 16.32 -4.23 16.93
C8 DXC R . 16.29 -5.21 18.10
C9 DXC R . 15.04 -4.95 18.93
C10 DXC R . 14.90 -3.46 19.35
C11 DXC R . 15.00 -5.81 20.19
C12 DXC R . 13.71 -5.64 21.01
C13 DXC R . 13.59 -4.17 21.41
C14 DXC R . 13.63 -3.27 20.18
C15 DXC R . 15.14 -7.32 20.06
C16 DXC R . 14.86 -7.76 21.51
C17 DXC R . 13.95 -6.66 22.15
C18 DXC R . 13.79 -2.42 17.28
C19 DXC R . 12.72 -7.24 22.85
O1 DXC R . 14.66 -3.89 22.28
O2 DXC R . 18.82 -0.90 19.43
C20 DXC R . 12.45 -6.01 20.22
C21 DXC R . 13.12 -8.57 23.48
C22 DXC R . 12.35 -8.91 24.74
C23 DXC R . 13.20 -9.65 25.77
O3 DXC R . 13.58 -9.00 26.76
O4 DXC R . 13.47 -10.84 25.53
C24 DXC R . 12.12 -6.29 23.89
N01 HCZ S . 3.70 -0.87 -3.51
S02 HCZ S . 3.52 0.62 -2.83
O03 HCZ S . 3.49 1.67 -3.84
O04 HCZ S . 4.50 0.74 -1.76
C05 HCZ S . 1.89 0.53 -2.09
C06 HCZ S . 1.79 -0.02 -0.82
C07 HCZ S . 0.58 -0.15 -0.16
C08 HCZ S . -0.62 0.30 -0.75
C09 HCZ S . -0.52 0.86 -2.04
C10 HCZ S . 0.68 0.98 -2.69
CL11 HCZ S . 0.64 1.69 -4.27
N12 HCZ S . -1.81 0.19 -0.13
C13 HCZ S . -2.03 -0.55 1.10
N14 HCZ S . -0.94 -0.36 2.03
S15 HCZ S . 0.53 -0.87 1.45
O16 HCZ S . 0.44 -2.31 1.33
O17 HCZ S . 1.60 -0.31 2.26
#